data_8WO3
#
_entry.id   8WO3
#
_cell.length_a   52.912
_cell.length_b   53.131
_cell.length_c   103.394
_cell.angle_alpha   92.35
_cell.angle_beta   97.68
_cell.angle_gamma   104.42
#
_symmetry.space_group_name_H-M   'P 1'
#
loop_
_entity.id
_entity.type
_entity.pdbx_description
1 polymer 'Isoleucine--tRNA ligase'
2 non-polymer 'ZINC ION'
3 non-polymer GLYCEROL
4 non-polymer 'ACETATE ION'
5 non-polymer MUPIROCIN
6 water water
#
_entity_poly.entity_id   1
_entity_poly.type   'polypeptide(L)'
_entity_poly.pdbx_seq_one_letter_code
;SMEEYKDTLNLNTTTFSMKGNLSVNEPKTYAKWQEQQAFKRMQARKDNHGDFTLHDGPPYANGHLHLGHALNKILKDIVV
KREYFKGKKIYYTPGWDCHGLPIEQQILERLEKEKTSLENPTLFREKCRDHAKKFLEIQKNEFLQLGVLGDFEDPYKTMD
FKFEASIYRALVEVAKKGLLKERHKPIYWSYACESALAEAEVEYKMKKSPSIFVAFGLKKESLEKLKVKKASLVIWTTTP
WTLYANVAIALKKDAVYALTQKGYLVAKALHEKLAALGVVDNEITHEFNSNDLEYLVATNPLNQRDSLVALGEHVGLEDG
TGAVHTAPGHGEEDYYLGLRYNLEVLMSVDEKGCYDEGIIHNQLLDESYLGEHVFKAQKRIIEQLGDSLLLEQEIEHSYP
HCWRTHKPVIYRATTQWFILMDEPFIQNDGSQKTLREVALDAIEKVEFVPSSGKNRLKTMIENRPDWCLSRQRKWGVPLA
FFIDKRTNKPCFESEVLEHVANLFEKKGCDVWWEYSVKDLLPPSYQEDAKHYEKIMHILDVWFDSGSTFKAVLEDYHGEK
GQSPSDVILEGSDQHRGWFQSSLLIGCVLNNQAPFKKVITHGFIVDEKGEKMSKSKGNVVSLDKLLKTHGSDVVRLWVAF
NDYQNDLRVSQTFFTQTEQHYKKFRNTLKFLLANFSDMDLKNLERPHNFSPLDHFMLETLETISAGVNSAFEEHDFVKGL
NILMAFVTNELSGIYLDACKDSLYCDSKNNEKRQAIQMVLLATASKLCYFLAPILTHTIEEVLEHSQALRIFLQAKDVFD
LKDISVSEKLHLKEFKKPENFEAVLALRSAFNEELDRLKKEGVIKNSLECAIEVKEKALDENLVEELLMVSFVGIAKEKL
SETPAFTLFKAPFYKCPRCWRFKSELENTPCKRCEQVLKER
;
_entity_poly.pdbx_strand_id   A
#
loop_
_chem_comp.id
_chem_comp.type
_chem_comp.name
_chem_comp.formula
ACT non-polymer 'ACETATE ION' 'C2 H3 O2 -1'
GOL non-polymer GLYCEROL 'C3 H8 O3'
MRC non-polymer MUPIROCIN 'C26 H44 O9'
ZN non-polymer 'ZINC ION' 'Zn 2'
#
# COMPACT_ATOMS: atom_id res chain seq x y z
N GLU A 4 54.93 0.50 21.52
CA GLU A 4 56.22 0.19 20.89
C GLU A 4 56.13 -1.10 20.05
N TYR A 5 55.15 -1.95 20.37
CA TYR A 5 54.98 -3.25 19.73
C TYR A 5 53.76 -3.29 18.83
N LYS A 6 53.15 -2.13 18.55
CA LYS A 6 51.93 -2.08 17.75
C LYS A 6 52.13 -2.73 16.38
N ASP A 7 53.31 -2.54 15.80
CA ASP A 7 53.63 -3.12 14.49
C ASP A 7 53.79 -4.64 14.53
N THR A 8 53.86 -5.24 15.73
CA THR A 8 54.03 -6.68 15.87
C THR A 8 52.70 -7.40 16.03
N LEU A 9 51.60 -6.68 16.08
CA LEU A 9 50.28 -7.29 16.17
C LEU A 9 49.83 -7.79 14.80
N ASN A 10 48.79 -8.62 14.81
CA ASN A 10 48.16 -9.01 13.57
C ASN A 10 47.44 -7.79 12.99
N LEU A 11 47.63 -7.55 11.69
CA LEU A 11 47.02 -6.35 11.08
C LEU A 11 45.50 -6.40 11.18
N ASN A 12 44.89 -7.51 10.77
CA ASN A 12 43.44 -7.67 10.74
C ASN A 12 42.73 -6.45 10.16
N THR A 13 42.93 -6.19 8.87
CA THR A 13 42.16 -5.17 8.16
C THR A 13 41.53 -5.80 6.93
N THR A 14 40.52 -5.09 6.42
CA THR A 14 39.80 -5.46 5.21
C THR A 14 39.66 -4.24 4.32
N THR A 15 39.55 -4.48 3.01
CA THR A 15 39.28 -3.39 2.08
C THR A 15 37.85 -2.90 2.19
N PHE A 16 36.96 -3.68 2.78
CA PHE A 16 35.58 -3.26 3.00
C PHE A 16 35.56 -2.04 3.91
N SER A 17 35.05 -0.92 3.38
CA SER A 17 35.24 0.36 4.04
C SER A 17 34.14 0.64 5.07
N MET A 18 34.52 1.43 6.07
CA MET A 18 33.57 1.87 7.08
C MET A 18 32.50 2.77 6.48
N LYS A 19 32.91 3.71 5.63
CA LYS A 19 31.96 4.65 5.03
C LYS A 19 31.29 4.02 3.82
N GLY A 20 29.95 4.09 3.78
CA GLY A 20 29.21 3.48 2.69
C GLY A 20 29.41 4.18 1.36
N ASN A 21 29.64 5.49 1.38
CA ASN A 21 29.66 6.34 0.17
C ASN A 21 28.54 5.93 -0.78
N LEU A 22 27.32 5.88 -0.25
CA LEU A 22 26.22 5.23 -0.95
C LEU A 22 25.84 6.00 -2.22
N SER A 23 25.91 7.33 -2.17
CA SER A 23 25.55 8.14 -3.34
C SER A 23 26.41 7.82 -4.55
N VAL A 24 27.63 7.33 -4.33
CA VAL A 24 28.54 7.03 -5.42
C VAL A 24 28.46 5.56 -5.81
N ASN A 25 28.37 4.65 -4.85
CA ASN A 25 28.56 3.24 -5.14
C ASN A 25 27.27 2.50 -5.47
N GLU A 26 26.14 2.89 -4.88
CA GLU A 26 24.88 2.23 -5.20
C GLU A 26 24.53 2.32 -6.68
N PRO A 27 24.58 3.48 -7.35
CA PRO A 27 24.26 3.50 -8.78
C PRO A 27 25.15 2.58 -9.58
N LYS A 28 26.39 2.35 -9.13
CA LYS A 28 27.26 1.42 -9.83
C LYS A 28 26.81 -0.02 -9.63
N THR A 29 26.30 -0.34 -8.44
CA THR A 29 25.76 -1.68 -8.21
C THR A 29 24.51 -1.91 -9.04
N TYR A 30 23.63 -0.92 -9.10
CA TYR A 30 22.36 -1.11 -9.78
C TYR A 30 22.54 -1.12 -11.30
N ALA A 31 23.41 -0.25 -11.81
CA ALA A 31 23.73 -0.30 -13.23
C ALA A 31 24.27 -1.66 -13.62
N LYS A 32 25.05 -2.30 -12.74
CA LYS A 32 25.60 -3.61 -13.01
C LYS A 32 24.52 -4.69 -13.03
N TRP A 33 23.57 -4.65 -12.10
CA TRP A 33 22.49 -5.63 -12.09
C TRP A 33 21.63 -5.50 -13.35
N GLN A 34 21.51 -4.29 -13.90
CA GLN A 34 20.76 -4.11 -15.14
C GLN A 34 21.54 -4.63 -16.33
N GLU A 35 22.82 -4.26 -16.43
CA GLU A 35 23.67 -4.71 -17.54
C GLU A 35 23.77 -6.23 -17.58
N GLN A 36 23.97 -6.86 -16.43
CA GLN A 36 24.16 -8.31 -16.35
C GLN A 36 22.86 -9.07 -16.15
N GLN A 37 21.71 -8.39 -16.20
CA GLN A 37 20.40 -9.04 -16.18
C GLN A 37 20.21 -9.93 -14.95
N ALA A 38 20.50 -9.37 -13.77
CA ALA A 38 20.46 -10.13 -12.53
C ALA A 38 19.11 -10.82 -12.33
N PHE A 39 18.01 -10.15 -12.70
CA PHE A 39 16.70 -10.74 -12.47
C PHE A 39 16.49 -11.98 -13.32
N LYS A 40 16.87 -11.93 -14.60
CA LYS A 40 16.77 -13.11 -15.45
C LYS A 40 17.69 -14.21 -14.95
N ARG A 41 18.87 -13.84 -14.44
CA ARG A 41 19.74 -14.82 -13.81
C ARG A 41 19.10 -15.42 -12.56
N MET A 42 18.32 -14.62 -11.81
CA MET A 42 17.61 -15.17 -10.65
C MET A 42 16.56 -16.20 -11.09
N GLN A 43 15.82 -15.90 -12.17
CA GLN A 43 14.78 -16.81 -12.64
C GLN A 43 15.36 -18.08 -13.25
N ALA A 44 16.53 -17.99 -13.89
CA ALA A 44 17.14 -19.17 -14.52
C ALA A 44 17.95 -20.04 -13.56
N ARG A 45 18.06 -19.68 -12.28
CA ARG A 45 18.88 -20.44 -11.34
C ARG A 45 18.52 -21.92 -11.37
N LYS A 46 19.55 -22.76 -11.51
CA LYS A 46 19.32 -24.16 -11.89
C LYS A 46 18.67 -24.97 -10.76
N ASP A 47 18.94 -24.63 -9.50
CA ASP A 47 18.38 -25.40 -8.40
C ASP A 47 17.12 -24.78 -7.80
N ASN A 48 16.42 -23.94 -8.58
CA ASN A 48 15.14 -23.40 -8.11
C ASN A 48 14.23 -24.53 -7.67
N HIS A 49 13.60 -24.37 -6.50
CA HIS A 49 12.67 -25.36 -5.98
C HIS A 49 11.45 -24.62 -5.43
N GLY A 50 10.29 -24.84 -6.04
CA GLY A 50 9.10 -24.11 -5.67
C GLY A 50 8.97 -22.80 -6.43
N ASP A 51 7.75 -22.27 -6.44
CA ASP A 51 7.43 -21.07 -7.19
C ASP A 51 6.80 -20.03 -6.28
N PHE A 52 7.04 -18.76 -6.59
CA PHE A 52 6.43 -17.65 -5.87
C PHE A 52 6.08 -16.53 -6.86
N THR A 53 4.80 -16.22 -6.96
CA THR A 53 4.29 -15.14 -7.81
C THR A 53 3.87 -13.98 -6.92
N LEU A 54 4.49 -12.82 -7.10
CA LEU A 54 3.95 -11.56 -6.60
C LEU A 54 3.45 -10.79 -7.82
N HIS A 55 2.18 -10.39 -7.79
CA HIS A 55 1.59 -9.70 -8.93
C HIS A 55 1.58 -8.21 -8.67
N ASP A 56 2.32 -7.46 -9.48
CA ASP A 56 2.44 -6.02 -9.31
C ASP A 56 1.13 -5.31 -9.64
N GLY A 57 0.71 -4.41 -8.75
CA GLY A 57 -0.33 -3.45 -9.07
C GLY A 57 0.27 -2.29 -9.84
N PRO A 58 -0.40 -1.83 -10.89
CA PRO A 58 0.24 -0.89 -11.84
C PRO A 58 0.05 0.56 -11.43
N PRO A 59 1.13 1.26 -11.10
CA PRO A 59 1.03 2.73 -10.95
C PRO A 59 0.64 3.38 -12.26
N TYR A 60 0.09 4.59 -12.15
CA TYR A 60 -0.23 5.38 -13.35
C TYR A 60 1.06 5.85 -14.02
N ALA A 61 1.09 5.73 -15.34
CA ALA A 61 2.22 6.23 -16.13
C ALA A 61 2.04 7.73 -16.35
N ASN A 62 2.07 8.46 -15.23
CA ASN A 62 2.03 9.91 -15.21
C ASN A 62 2.93 10.39 -14.08
N GLY A 63 3.80 11.34 -14.38
CA GLY A 63 4.65 11.92 -13.36
C GLY A 63 5.79 11.07 -12.84
N HIS A 64 6.68 11.70 -12.08
CA HIS A 64 7.77 11.00 -11.44
C HIS A 64 7.27 10.23 -10.23
N LEU A 65 8.07 9.28 -9.78
CA LEU A 65 7.73 8.53 -8.58
C LEU A 65 7.75 9.43 -7.35
N HIS A 66 6.83 9.20 -6.42
CA HIS A 66 6.87 9.85 -5.11
C HIS A 66 7.23 8.80 -4.06
N LEU A 67 7.32 9.24 -2.80
CA LEU A 67 7.81 8.37 -1.74
C LEU A 67 6.92 7.17 -1.52
N GLY A 68 5.63 7.27 -1.84
CA GLY A 68 4.74 6.14 -1.69
C GLY A 68 5.06 5.01 -2.66
N HIS A 69 5.41 5.35 -3.90
CA HIS A 69 5.92 4.36 -4.85
C HIS A 69 7.18 3.68 -4.32
N ALA A 70 8.12 4.45 -3.75
CA ALA A 70 9.34 3.86 -3.23
C ALA A 70 9.03 2.89 -2.09
N LEU A 71 8.25 3.34 -1.11
CA LEU A 71 7.78 2.47 -0.04
C LEU A 71 7.21 1.17 -0.61
N ASN A 72 6.31 1.30 -1.59
CA ASN A 72 5.63 0.13 -2.12
C ASN A 72 6.61 -0.85 -2.78
N LYS A 73 7.49 -0.33 -3.65
CA LYS A 73 8.38 -1.21 -4.40
C LYS A 73 9.47 -1.82 -3.53
N ILE A 74 9.92 -1.09 -2.49
CA ILE A 74 10.90 -1.64 -1.56
C ILE A 74 10.31 -2.83 -0.81
N LEU A 75 9.09 -2.67 -0.29
CA LEU A 75 8.45 -3.78 0.42
C LEU A 75 8.26 -5.00 -0.50
N LYS A 76 7.82 -4.76 -1.75
CA LYS A 76 7.73 -5.86 -2.71
C LYS A 76 9.09 -6.51 -2.91
N ASP A 77 10.15 -5.69 -2.98
CA ASP A 77 11.50 -6.21 -3.23
C ASP A 77 11.98 -7.09 -2.08
N ILE A 78 11.67 -6.71 -0.83
CA ILE A 78 12.06 -7.53 0.31
C ILE A 78 11.33 -8.86 0.29
N VAL A 79 10.02 -8.84 0.04
CA VAL A 79 9.22 -10.07 -0.01
C VAL A 79 9.72 -10.98 -1.11
N VAL A 80 9.99 -10.42 -2.29
CA VAL A 80 10.46 -11.24 -3.41
C VAL A 80 11.85 -11.80 -3.12
N LYS A 81 12.78 -10.94 -2.68
CA LYS A 81 14.14 -11.41 -2.44
C LYS A 81 14.17 -12.48 -1.35
N ARG A 82 13.35 -12.32 -0.30
CA ARG A 82 13.19 -13.38 0.71
C ARG A 82 12.87 -14.72 0.06
N GLU A 83 11.90 -14.75 -0.86
CA GLU A 83 11.49 -16.01 -1.47
C GLU A 83 12.57 -16.57 -2.38
N TYR A 84 13.23 -15.69 -3.15
CA TYR A 84 14.38 -16.11 -3.96
C TYR A 84 15.45 -16.78 -3.10
N PHE A 85 15.85 -16.13 -2.00
CA PHE A 85 16.91 -16.69 -1.15
C PHE A 85 16.47 -17.92 -0.38
N LYS A 86 15.15 -18.11 -0.20
CA LYS A 86 14.66 -19.39 0.28
C LYS A 86 14.80 -20.50 -0.76
N GLY A 87 15.08 -20.16 -2.03
CA GLY A 87 15.31 -21.15 -3.06
C GLY A 87 14.22 -21.30 -4.10
N LYS A 88 13.20 -20.44 -4.11
CA LYS A 88 12.08 -20.61 -5.02
C LYS A 88 12.33 -19.91 -6.35
N LYS A 89 11.63 -20.36 -7.39
CA LYS A 89 11.58 -19.59 -8.61
C LYS A 89 10.62 -18.41 -8.45
N ILE A 90 11.06 -17.23 -8.87
CA ILE A 90 10.37 -15.96 -8.66
C ILE A 90 9.64 -15.55 -9.95
N TYR A 91 8.41 -15.08 -9.80
CA TYR A 91 7.71 -14.37 -10.87
C TYR A 91 7.30 -13.00 -10.35
N TYR A 92 7.81 -11.95 -11.01
CA TYR A 92 7.50 -10.59 -10.58
C TYR A 92 7.65 -9.68 -11.79
N THR A 93 6.55 -9.50 -12.54
CA THR A 93 6.55 -8.60 -13.69
C THR A 93 5.90 -7.27 -13.31
N PRO A 94 6.66 -6.19 -13.15
CA PRO A 94 6.03 -4.89 -12.89
C PRO A 94 5.23 -4.42 -14.09
N GLY A 95 4.24 -3.56 -13.82
CA GLY A 95 3.36 -3.08 -14.86
C GLY A 95 2.98 -1.63 -14.64
N TRP A 96 2.35 -1.06 -15.66
CA TRP A 96 1.93 0.33 -15.61
C TRP A 96 0.50 0.53 -16.10
N ASP A 97 -0.24 1.34 -15.35
CA ASP A 97 -1.57 1.82 -15.69
C ASP A 97 -1.44 3.01 -16.65
N CYS A 98 -1.83 2.82 -17.90
CA CYS A 98 -1.58 3.80 -18.94
C CYS A 98 -2.81 4.58 -19.40
N HIS A 99 -4.02 4.07 -19.18
CA HIS A 99 -5.23 4.71 -19.66
C HIS A 99 -5.83 5.62 -18.59
N GLY A 100 -6.99 6.21 -18.91
CA GLY A 100 -7.80 6.89 -17.93
C GLY A 100 -7.48 8.36 -17.75
N LEU A 101 -8.39 9.02 -17.04
CA LEU A 101 -8.20 10.43 -16.68
C LEU A 101 -6.87 10.72 -16.01
N PRO A 102 -6.27 9.86 -15.17
CA PRO A 102 -4.97 10.21 -14.58
C PRO A 102 -3.93 10.60 -15.62
N ILE A 103 -4.00 10.04 -16.82
CA ILE A 103 -3.16 10.52 -17.93
C ILE A 103 -3.89 11.59 -18.74
N GLU A 104 -5.17 11.35 -19.04
CA GLU A 104 -5.87 12.21 -19.98
C GLU A 104 -6.06 13.62 -19.44
N GLN A 105 -6.29 13.77 -18.12
CA GLN A 105 -6.48 15.11 -17.55
C GLN A 105 -5.24 15.98 -17.69
N GLN A 106 -4.05 15.39 -17.54
CA GLN A 106 -2.83 16.17 -17.71
C GLN A 106 -2.70 16.70 -19.14
N ILE A 107 -3.12 15.90 -20.12
CA ILE A 107 -3.12 16.35 -21.51
C ILE A 107 -4.14 17.48 -21.69
N LEU A 108 -5.30 17.35 -21.06
CA LEU A 108 -6.33 18.39 -21.17
C LEU A 108 -5.86 19.70 -20.55
N GLU A 109 -5.19 19.64 -19.39
CA GLU A 109 -4.71 20.86 -18.76
C GLU A 109 -3.61 21.53 -19.59
N ARG A 110 -2.76 20.72 -20.23
CA ARG A 110 -1.73 21.30 -21.09
C ARG A 110 -2.34 21.98 -22.31
N LEU A 111 -3.26 21.29 -22.99
CA LEU A 111 -3.92 21.89 -24.16
C LEU A 111 -4.54 23.23 -23.82
N GLU A 112 -5.27 23.28 -22.69
CA GLU A 112 -5.93 24.52 -22.29
C GLU A 112 -4.90 25.59 -21.90
N LYS A 113 -3.83 25.21 -21.19
CA LYS A 113 -2.80 26.18 -20.88
C LYS A 113 -2.16 26.73 -22.14
N GLU A 114 -1.89 25.85 -23.13
CA GLU A 114 -1.41 26.26 -24.44
C GLU A 114 -2.47 26.95 -25.29
N LYS A 115 -3.70 27.04 -24.80
CA LYS A 115 -4.79 27.71 -25.51
C LYS A 115 -5.07 27.00 -26.84
N THR A 116 -5.29 25.68 -26.76
CA THR A 116 -5.45 24.89 -27.96
C THR A 116 -6.44 23.76 -27.70
N SER A 117 -6.79 23.05 -28.77
CA SER A 117 -7.76 21.96 -28.73
C SER A 117 -7.23 20.80 -29.56
N LEU A 118 -7.79 19.61 -29.34
CA LEU A 118 -7.37 18.46 -30.14
C LEU A 118 -8.56 17.51 -30.26
N GLU A 119 -9.32 17.66 -31.36
CA GLU A 119 -10.58 16.95 -31.54
C GLU A 119 -10.45 15.61 -32.24
N ASN A 120 -9.39 15.41 -33.03
CA ASN A 120 -9.22 14.17 -33.77
C ASN A 120 -8.99 13.01 -32.81
N PRO A 121 -9.87 12.00 -32.77
CA PRO A 121 -9.75 10.95 -31.74
C PRO A 121 -8.42 10.21 -31.78
N THR A 122 -7.95 9.83 -32.97
CA THR A 122 -6.70 9.07 -33.06
C THR A 122 -5.52 9.89 -32.57
N LEU A 123 -5.47 11.17 -32.96
CA LEU A 123 -4.37 12.03 -32.55
C LEU A 123 -4.40 12.31 -31.05
N PHE A 124 -5.60 12.51 -30.50
CA PHE A 124 -5.71 12.74 -29.06
C PHE A 124 -5.23 11.53 -28.27
N ARG A 125 -5.67 10.33 -28.66
CA ARG A 125 -5.18 9.13 -28.01
C ARG A 125 -3.67 8.96 -28.20
N GLU A 126 -3.15 9.38 -29.36
CA GLU A 126 -1.71 9.32 -29.58
C GLU A 126 -0.97 10.19 -28.57
N LYS A 127 -1.43 11.43 -28.37
CA LYS A 127 -0.84 12.31 -27.35
C LYS A 127 -0.91 11.70 -25.97
N CYS A 128 -2.03 11.06 -25.64
CA CYS A 128 -2.15 10.38 -24.35
C CYS A 128 -1.20 9.19 -24.28
N ARG A 129 -1.12 8.41 -25.36
CA ARG A 129 -0.25 7.24 -25.38
C ARG A 129 1.22 7.62 -25.28
N ASP A 130 1.62 8.69 -25.99
CA ASP A 130 3.02 9.11 -25.94
C ASP A 130 3.38 9.70 -24.58
N HIS A 131 2.44 10.39 -23.93
CA HIS A 131 2.67 10.86 -22.58
C HIS A 131 2.94 9.70 -21.62
N ALA A 132 2.12 8.65 -21.69
CA ALA A 132 2.33 7.49 -20.81
C ALA A 132 3.64 6.79 -21.12
N LYS A 133 3.99 6.67 -22.41
CA LYS A 133 5.26 6.05 -22.76
C LYS A 133 6.44 6.81 -22.15
N LYS A 134 6.38 8.14 -22.18
CA LYS A 134 7.49 8.93 -21.64
C LYS A 134 7.68 8.68 -20.16
N PHE A 135 6.60 8.74 -19.38
CA PHE A 135 6.73 8.60 -17.93
C PHE A 135 6.81 7.14 -17.48
N LEU A 136 6.41 6.19 -18.32
CA LEU A 136 6.73 4.80 -18.01
C LEU A 136 8.24 4.60 -17.98
N GLU A 137 8.96 5.17 -18.95
CA GLU A 137 10.42 5.09 -18.93
C GLU A 137 10.98 5.77 -17.69
N ILE A 138 10.46 6.95 -17.35
CA ILE A 138 10.98 7.69 -16.22
C ILE A 138 10.78 6.90 -14.93
N GLN A 139 9.61 6.33 -14.75
CA GLN A 139 9.34 5.60 -13.52
C GLN A 139 10.14 4.29 -13.46
N LYS A 140 10.33 3.62 -14.61
CA LYS A 140 11.10 2.38 -14.60
C LYS A 140 12.51 2.63 -14.05
N ASN A 141 13.19 3.66 -14.56
CA ASN A 141 14.56 3.90 -14.12
C ASN A 141 14.61 4.45 -12.70
N GLU A 142 13.59 5.19 -12.28
CA GLU A 142 13.51 5.61 -10.88
C GLU A 142 13.29 4.41 -9.97
N PHE A 143 12.46 3.45 -10.37
CA PHE A 143 12.32 2.22 -9.58
C PHE A 143 13.65 1.50 -9.44
N LEU A 144 14.42 1.40 -10.53
CA LEU A 144 15.67 0.66 -10.48
C LEU A 144 16.69 1.34 -9.59
N GLN A 145 16.60 2.66 -9.42
CA GLN A 145 17.52 3.35 -8.53
C GLN A 145 17.26 3.04 -7.06
N LEU A 146 16.18 2.32 -6.75
CA LEU A 146 15.91 1.88 -5.39
C LEU A 146 16.50 0.51 -5.10
N GLY A 147 17.18 -0.10 -6.07
CA GLY A 147 17.75 -1.41 -5.87
C GLY A 147 16.80 -2.58 -6.05
N VAL A 148 15.62 -2.35 -6.65
CA VAL A 148 14.60 -3.39 -6.75
C VAL A 148 14.84 -4.22 -7.99
N LEU A 149 14.48 -5.49 -7.89
CA LEU A 149 14.74 -6.48 -8.93
C LEU A 149 13.42 -7.08 -9.40
N GLY A 150 13.16 -6.94 -10.69
CA GLY A 150 11.97 -7.51 -11.30
C GLY A 150 12.17 -7.46 -12.79
N ASP A 151 11.15 -7.94 -13.51
CA ASP A 151 11.23 -7.94 -14.97
C ASP A 151 10.93 -6.55 -15.52
N PHE A 152 11.77 -5.59 -15.14
CA PHE A 152 11.56 -4.20 -15.54
C PHE A 152 11.88 -3.95 -17.01
N GLU A 153 12.65 -4.83 -17.65
CA GLU A 153 12.86 -4.67 -19.08
C GLU A 153 11.75 -5.29 -19.92
N ASP A 154 10.85 -6.07 -19.32
CA ASP A 154 9.70 -6.62 -20.04
C ASP A 154 8.45 -6.46 -19.16
N PRO A 155 8.09 -5.21 -18.83
CA PRO A 155 6.94 -4.97 -17.96
C PRO A 155 5.65 -5.04 -18.75
N TYR A 156 4.54 -5.18 -18.02
CA TYR A 156 3.25 -5.10 -18.69
C TYR A 156 2.77 -3.65 -18.76
N LYS A 157 1.97 -3.37 -19.79
CA LYS A 157 1.48 -2.02 -20.06
C LYS A 157 0.04 -2.17 -20.53
N THR A 158 -0.90 -1.53 -19.83
CA THR A 158 -2.30 -1.66 -20.29
C THR A 158 -2.49 -1.10 -21.68
N MET A 159 -1.56 -0.29 -22.18
CA MET A 159 -1.66 0.26 -23.53
C MET A 159 -1.12 -0.66 -24.62
N ASP A 160 -0.42 -1.75 -24.26
CA ASP A 160 -0.07 -2.73 -25.28
C ASP A 160 -1.32 -3.27 -25.94
N PHE A 161 -1.24 -3.50 -27.26
CA PHE A 161 -2.40 -3.96 -27.99
C PHE A 161 -2.93 -5.29 -27.45
N LYS A 162 -2.02 -6.22 -27.11
CA LYS A 162 -2.46 -7.47 -26.51
C LYS A 162 -3.15 -7.24 -25.18
N PHE A 163 -2.65 -6.30 -24.37
CA PHE A 163 -3.29 -6.02 -23.09
C PHE A 163 -4.69 -5.45 -23.29
N GLU A 164 -4.84 -4.50 -24.22
CA GLU A 164 -6.16 -3.95 -24.55
C GLU A 164 -7.10 -5.06 -25.01
N ALA A 165 -6.59 -6.03 -25.77
CA ALA A 165 -7.41 -7.18 -26.14
C ALA A 165 -7.80 -7.99 -24.92
N SER A 166 -6.85 -8.20 -23.99
CA SER A 166 -7.14 -8.94 -22.77
C SER A 166 -8.21 -8.25 -21.93
N ILE A 167 -8.11 -6.93 -21.77
CA ILE A 167 -9.11 -6.19 -20.99
C ILE A 167 -10.48 -6.37 -21.61
N TYR A 168 -10.57 -6.28 -22.94
CA TYR A 168 -11.83 -6.48 -23.63
C TYR A 168 -12.33 -7.92 -23.48
N ARG A 169 -11.45 -8.91 -23.61
CA ARG A 169 -11.88 -10.29 -23.41
C ARG A 169 -12.41 -10.53 -21.99
N ALA A 170 -11.86 -9.85 -20.99
CA ALA A 170 -12.44 -9.96 -19.64
C ALA A 170 -13.86 -9.40 -19.61
N LEU A 171 -14.05 -8.20 -20.17
CA LEU A 171 -15.38 -7.63 -20.34
C LEU A 171 -16.31 -8.61 -21.06
N VAL A 172 -15.80 -9.29 -22.09
CA VAL A 172 -16.62 -10.25 -22.82
C VAL A 172 -17.11 -11.36 -21.90
N GLU A 173 -16.24 -11.85 -21.00
CA GLU A 173 -16.67 -12.89 -20.04
C GLU A 173 -17.76 -12.36 -19.11
N VAL A 174 -17.60 -11.13 -18.62
CA VAL A 174 -18.65 -10.52 -17.81
C VAL A 174 -19.98 -10.48 -18.59
N ALA A 175 -19.94 -10.02 -19.85
CA ALA A 175 -21.17 -9.88 -20.62
C ALA A 175 -21.82 -11.23 -20.92
N LYS A 176 -21.01 -12.23 -21.28
CA LYS A 176 -21.55 -13.56 -21.53
C LYS A 176 -22.16 -14.20 -20.28
N LYS A 177 -21.69 -13.82 -19.09
CA LYS A 177 -22.25 -14.37 -17.88
C LYS A 177 -23.47 -13.59 -17.39
N GLY A 178 -23.94 -12.60 -18.14
CA GLY A 178 -25.20 -11.96 -17.85
C GLY A 178 -25.14 -10.86 -16.80
N LEU A 179 -23.94 -10.37 -16.48
CA LEU A 179 -23.77 -9.36 -15.43
C LEU A 179 -23.55 -7.95 -15.98
N LEU A 180 -23.47 -7.77 -17.30
CA LEU A 180 -23.26 -6.46 -17.92
C LEU A 180 -24.59 -5.97 -18.48
N LYS A 181 -25.19 -4.95 -17.84
CA LYS A 181 -26.52 -4.49 -18.20
C LYS A 181 -26.59 -2.96 -18.23
N GLU A 182 -27.46 -2.45 -19.09
CA GLU A 182 -27.76 -1.01 -19.11
C GLU A 182 -28.71 -0.65 -17.97
N ARG A 183 -28.44 0.47 -17.32
CA ARG A 183 -29.38 1.05 -16.38
C ARG A 183 -29.54 2.53 -16.68
N HIS A 184 -30.72 3.04 -16.35
CA HIS A 184 -31.02 4.46 -16.40
C HIS A 184 -31.37 4.88 -14.98
N LYS A 185 -30.51 5.68 -14.37
CA LYS A 185 -30.68 6.14 -13.00
C LYS A 185 -29.70 7.28 -12.75
N PRO A 186 -29.97 8.13 -11.75
CA PRO A 186 -29.02 9.18 -11.39
C PRO A 186 -27.74 8.57 -10.84
N ILE A 187 -26.61 9.00 -11.37
CA ILE A 187 -25.30 8.58 -10.88
C ILE A 187 -24.39 9.80 -10.80
N TYR A 188 -23.27 9.62 -10.11
CA TYR A 188 -22.17 10.57 -10.09
C TYR A 188 -21.92 11.14 -11.48
N TRP A 189 -21.96 12.46 -11.59
CA TRP A 189 -21.65 13.10 -12.86
C TRP A 189 -20.64 14.21 -12.63
N SER A 190 -19.48 14.08 -13.28
CA SER A 190 -18.44 15.10 -13.22
C SER A 190 -18.64 16.02 -14.42
N TYR A 191 -19.13 17.23 -14.16
CA TYR A 191 -19.38 18.17 -15.26
C TYR A 191 -18.08 18.74 -15.85
N ALA A 192 -17.00 18.81 -15.05
CA ALA A 192 -15.74 19.35 -15.53
C ALA A 192 -15.06 18.46 -16.55
N CYS A 193 -15.32 17.15 -16.52
CA CYS A 193 -14.84 16.27 -17.58
C CYS A 193 -16.00 15.62 -18.34
N GLU A 194 -17.24 16.03 -18.07
CA GLU A 194 -18.42 15.57 -18.80
C GLU A 194 -18.47 14.04 -18.88
N SER A 195 -18.40 13.40 -17.73
CA SER A 195 -18.35 11.94 -17.68
C SER A 195 -19.05 11.48 -16.42
N ALA A 196 -19.76 10.36 -16.53
CA ALA A 196 -20.14 9.57 -15.37
C ALA A 196 -18.90 9.13 -14.61
N LEU A 197 -19.09 8.79 -13.34
CA LEU A 197 -18.03 8.30 -12.46
C LEU A 197 -18.57 7.21 -11.56
N ALA A 198 -17.67 6.40 -11.00
CA ALA A 198 -18.03 5.47 -9.94
C ALA A 198 -17.22 5.79 -8.68
N GLU A 199 -17.52 5.05 -7.60
CA GLU A 199 -17.08 5.46 -6.26
C GLU A 199 -15.58 5.69 -6.17
N ALA A 200 -14.77 4.81 -6.78
CA ALA A 200 -13.32 4.92 -6.66
C ALA A 200 -12.75 6.14 -7.38
N GLU A 201 -13.55 6.82 -8.20
CA GLU A 201 -13.12 8.03 -8.90
C GLU A 201 -13.67 9.30 -8.24
N VAL A 202 -14.13 9.19 -7.01
CA VAL A 202 -14.75 10.28 -6.27
C VAL A 202 -14.01 10.42 -4.94
N GLU A 203 -13.63 11.65 -4.59
CA GLU A 203 -13.01 11.98 -3.32
C GLU A 203 -13.96 12.86 -2.52
N TYR A 204 -14.30 12.42 -1.31
CA TYR A 204 -15.18 13.19 -0.44
C TYR A 204 -14.37 14.23 0.33
N LYS A 205 -14.83 15.49 0.28
CA LYS A 205 -14.14 16.62 0.91
C LYS A 205 -15.19 17.50 1.57
N MET A 206 -14.80 18.20 2.63
CA MET A 206 -15.67 19.18 3.24
C MET A 206 -15.93 20.32 2.26
N LYS A 207 -17.16 20.80 2.24
CA LYS A 207 -17.56 21.82 1.30
C LYS A 207 -18.69 22.62 1.92
N LYS A 208 -18.62 23.95 1.82
CA LYS A 208 -19.69 24.81 2.29
C LYS A 208 -20.88 24.72 1.35
N SER A 209 -22.08 24.90 1.91
CA SER A 209 -23.29 24.71 1.14
C SER A 209 -24.43 25.50 1.75
N PRO A 210 -25.31 26.06 0.92
CA PRO A 210 -26.58 26.56 1.46
C PRO A 210 -27.36 25.44 2.12
N SER A 211 -28.23 25.81 3.06
CA SER A 211 -29.07 24.85 3.76
C SER A 211 -30.39 25.55 4.06
N ILE A 212 -31.46 25.17 3.35
CA ILE A 212 -32.70 25.94 3.38
C ILE A 212 -33.89 25.07 3.76
N PHE A 213 -34.86 25.70 4.42
CA PHE A 213 -36.15 25.11 4.78
C PHE A 213 -37.21 25.85 3.99
N VAL A 214 -38.00 25.12 3.19
CA VAL A 214 -38.90 25.70 2.22
C VAL A 214 -40.31 25.16 2.46
N ALA A 215 -41.29 26.07 2.46
CA ALA A 215 -42.69 25.67 2.63
C ALA A 215 -43.34 25.42 1.28
N PHE A 216 -43.93 24.23 1.13
CA PHE A 216 -44.73 23.84 -0.03
C PHE A 216 -46.20 23.86 0.41
N GLY A 217 -46.94 24.86 -0.05
CA GLY A 217 -48.34 24.97 0.37
C GLY A 217 -49.19 23.87 -0.25
N LEU A 218 -50.09 23.31 0.56
CA LEU A 218 -51.08 22.38 0.05
C LEU A 218 -52.04 23.10 -0.88
N LYS A 219 -52.43 22.41 -1.94
CA LYS A 219 -53.41 22.98 -2.87
C LYS A 219 -54.80 22.99 -2.22
N LYS A 220 -55.67 23.85 -2.76
CA LYS A 220 -56.98 24.10 -2.18
C LYS A 220 -57.73 22.80 -1.91
N GLU A 221 -57.80 21.91 -2.89
CA GLU A 221 -58.56 20.68 -2.72
C GLU A 221 -57.93 19.77 -1.68
N SER A 222 -56.61 19.82 -1.51
CA SER A 222 -55.99 19.04 -0.45
C SER A 222 -56.31 19.61 0.93
N LEU A 223 -56.33 20.94 1.07
CA LEU A 223 -56.74 21.54 2.34
C LEU A 223 -58.19 21.20 2.67
N GLU A 224 -59.06 21.16 1.66
CA GLU A 224 -60.45 20.80 1.90
C GLU A 224 -60.58 19.36 2.34
N LYS A 225 -59.74 18.48 1.78
CA LYS A 225 -59.75 17.09 2.19
C LYS A 225 -59.17 16.91 3.60
N LEU A 226 -58.19 17.74 3.98
CA LEU A 226 -57.61 17.66 5.31
C LEU A 226 -58.44 18.38 6.38
N LYS A 227 -59.38 19.26 5.96
CA LYS A 227 -60.26 20.00 6.86
C LYS A 227 -59.51 21.06 7.68
N VAL A 228 -58.45 21.66 7.13
CA VAL A 228 -57.76 22.78 7.77
C VAL A 228 -57.72 23.97 6.80
N LYS A 229 -57.61 25.17 7.39
CA LYS A 229 -57.56 26.40 6.60
C LYS A 229 -56.19 26.60 5.95
N LYS A 230 -55.12 26.28 6.67
CA LYS A 230 -53.76 26.49 6.21
C LYS A 230 -52.94 25.25 6.50
N ALA A 231 -52.10 24.86 5.54
CA ALA A 231 -51.11 23.82 5.75
C ALA A 231 -50.08 23.91 4.64
N SER A 232 -48.80 23.87 5.01
CA SER A 232 -47.69 23.78 4.06
C SER A 232 -46.67 22.82 4.62
N LEU A 233 -46.24 21.86 3.79
CA LEU A 233 -45.15 20.97 4.17
C LEU A 233 -43.83 21.71 4.06
N VAL A 234 -42.98 21.58 5.08
CA VAL A 234 -41.66 22.20 5.09
C VAL A 234 -40.63 21.13 4.75
N ILE A 235 -39.84 21.36 3.69
CA ILE A 235 -38.75 20.46 3.34
C ILE A 235 -37.44 21.13 3.74
N TRP A 236 -36.43 20.31 3.98
CA TRP A 236 -35.05 20.77 4.13
C TRP A 236 -34.22 20.25 2.96
N THR A 237 -33.38 21.11 2.39
CA THR A 237 -32.51 20.68 1.31
C THR A 237 -31.24 21.52 1.30
N THR A 238 -30.13 20.89 0.90
CA THR A 238 -28.90 21.60 0.63
C THR A 238 -28.70 21.85 -0.86
N THR A 239 -29.67 21.48 -1.70
CA THR A 239 -29.55 21.59 -3.15
C THR A 239 -30.74 22.33 -3.74
N PRO A 240 -30.82 23.65 -3.57
CA PRO A 240 -31.85 24.42 -4.29
C PRO A 240 -31.79 24.26 -5.80
N TRP A 241 -30.64 23.86 -6.36
CA TRP A 241 -30.57 23.64 -7.80
C TRP A 241 -31.39 22.44 -8.28
N THR A 242 -31.92 21.60 -7.38
CA THR A 242 -32.78 20.51 -7.81
C THR A 242 -34.26 20.78 -7.57
N LEU A 243 -34.60 21.92 -6.97
CA LEU A 243 -36.01 22.21 -6.70
C LEU A 243 -36.82 22.27 -7.98
N TYR A 244 -36.22 22.75 -9.07
CA TYR A 244 -36.93 22.78 -10.35
C TYR A 244 -37.43 21.38 -10.73
N ALA A 245 -36.72 20.35 -10.30
CA ALA A 245 -37.01 18.98 -10.69
C ALA A 245 -37.88 18.26 -9.67
N ASN A 246 -38.47 18.98 -8.73
CA ASN A 246 -39.33 18.36 -7.73
C ASN A 246 -40.57 17.75 -8.39
N VAL A 247 -40.94 16.54 -7.95
CA VAL A 247 -42.22 15.95 -8.33
C VAL A 247 -43.01 15.49 -7.11
N ALA A 248 -42.35 15.42 -5.96
CA ALA A 248 -42.99 14.82 -4.79
C ALA A 248 -42.34 15.31 -3.51
N ILE A 249 -43.07 15.14 -2.41
CA ILE A 249 -42.56 15.31 -1.05
C ILE A 249 -42.79 14.01 -0.31
N ALA A 250 -41.72 13.39 0.17
CA ALA A 250 -41.80 12.07 0.77
C ALA A 250 -41.84 12.17 2.28
N LEU A 251 -42.82 11.49 2.88
CA LEU A 251 -42.98 11.45 4.33
C LEU A 251 -42.59 10.08 4.86
N LYS A 252 -42.37 10.00 6.17
CA LYS A 252 -42.09 8.71 6.79
C LYS A 252 -43.40 7.94 6.94
N LYS A 253 -43.38 6.66 6.58
CA LYS A 253 -44.57 5.84 6.67
C LYS A 253 -45.08 5.75 8.10
N ASP A 254 -46.40 5.86 8.25
CA ASP A 254 -47.07 5.62 9.53
C ASP A 254 -46.45 6.44 10.66
N ALA A 255 -46.29 7.74 10.40
CA ALA A 255 -45.68 8.64 11.37
C ALA A 255 -46.59 9.84 11.59
N VAL A 256 -46.49 10.45 12.77
CA VAL A 256 -47.32 11.60 13.13
C VAL A 256 -46.64 12.88 12.63
N TYR A 257 -47.42 13.71 11.94
CA TYR A 257 -46.97 15.01 11.46
C TYR A 257 -47.78 16.08 12.16
N ALA A 258 -47.09 17.11 12.65
CA ALA A 258 -47.73 18.13 13.47
C ALA A 258 -47.98 19.35 12.61
N LEU A 259 -49.19 19.91 12.73
CA LEU A 259 -49.54 21.16 12.07
C LEU A 259 -49.51 22.28 13.10
N THR A 260 -48.78 23.34 12.79
CA THR A 260 -48.64 24.46 13.71
C THR A 260 -49.74 25.51 13.49
N GLN A 261 -49.78 26.48 14.40
CA GLN A 261 -50.81 27.52 14.34
C GLN A 261 -50.63 28.39 13.09
N LYS A 262 -49.39 28.69 12.73
CA LYS A 262 -49.16 29.43 11.49
C LYS A 262 -49.44 28.59 10.25
N GLY A 263 -49.58 27.28 10.39
CA GLY A 263 -49.96 26.42 9.29
C GLY A 263 -48.84 25.66 8.64
N TYR A 264 -47.79 25.32 9.38
CA TYR A 264 -46.69 24.55 8.84
C TYR A 264 -46.77 23.10 9.32
N LEU A 265 -46.52 22.17 8.40
CA LEU A 265 -46.69 20.75 8.64
C LEU A 265 -45.32 20.08 8.64
N VAL A 266 -44.93 19.53 9.78
CA VAL A 266 -43.64 18.86 9.92
C VAL A 266 -43.84 17.57 10.73
N ALA A 267 -42.83 16.71 10.69
CA ALA A 267 -42.81 15.56 11.57
C ALA A 267 -42.85 16.00 13.02
N LYS A 268 -43.75 15.40 13.79
CA LYS A 268 -43.90 15.78 15.19
C LYS A 268 -42.63 15.52 15.98
N ALA A 269 -41.90 14.45 15.65
CA ALA A 269 -40.67 14.12 16.37
C ALA A 269 -39.60 15.17 16.18
N LEU A 270 -39.70 15.99 15.12
CA LEU A 270 -38.73 17.03 14.84
C LEU A 270 -39.26 18.43 15.14
N HIS A 271 -40.50 18.57 15.63
CA HIS A 271 -41.07 19.90 15.78
C HIS A 271 -40.32 20.72 16.82
N GLU A 272 -39.90 20.09 17.93
CA GLU A 272 -39.21 20.82 18.99
C GLU A 272 -37.91 21.42 18.48
N LYS A 273 -37.11 20.62 17.77
CA LYS A 273 -35.87 21.16 17.23
C LYS A 273 -36.15 22.25 16.20
N LEU A 274 -37.13 22.04 15.31
CA LEU A 274 -37.39 23.00 14.24
C LEU A 274 -37.87 24.33 14.79
N ALA A 275 -38.71 24.31 15.82
CA ALA A 275 -39.17 25.56 16.44
C ALA A 275 -38.01 26.27 17.12
N ALA A 276 -37.10 25.50 17.76
CA ALA A 276 -35.95 26.14 18.39
C ALA A 276 -35.02 26.78 17.37
N LEU A 277 -34.97 26.21 16.16
CA LEU A 277 -34.25 26.83 15.05
C LEU A 277 -34.97 28.05 14.49
N GLY A 278 -36.23 28.26 14.88
CA GLY A 278 -37.03 29.29 14.28
C GLY A 278 -37.58 28.97 12.91
N VAL A 279 -37.54 27.69 12.51
CA VAL A 279 -38.11 27.29 11.22
C VAL A 279 -39.64 27.37 11.25
N VAL A 280 -40.26 26.89 12.33
CA VAL A 280 -41.71 26.90 12.48
C VAL A 280 -42.03 27.45 13.86
N ASP A 281 -43.30 27.83 14.04
CA ASP A 281 -43.78 28.33 15.32
C ASP A 281 -44.02 27.17 16.29
N ASN A 282 -44.17 27.51 17.57
CA ASN A 282 -44.09 26.51 18.63
C ASN A 282 -45.41 25.82 18.95
N GLU A 283 -46.55 26.40 18.59
CA GLU A 283 -47.84 25.85 18.99
C GLU A 283 -48.34 24.87 17.93
N ILE A 284 -48.55 23.61 18.33
CA ILE A 284 -49.16 22.61 17.46
C ILE A 284 -50.67 22.66 17.62
N THR A 285 -51.40 22.69 16.50
CA THR A 285 -52.85 22.70 16.53
C THR A 285 -53.48 21.35 16.19
N HIS A 286 -52.85 20.56 15.32
CA HIS A 286 -53.40 19.29 14.89
C HIS A 286 -52.26 18.32 14.59
N GLU A 287 -52.55 17.03 14.75
CA GLU A 287 -51.64 15.95 14.42
C GLU A 287 -52.33 15.03 13.43
N PHE A 288 -51.60 14.66 12.40
CA PHE A 288 -52.11 13.81 11.32
C PHE A 288 -51.15 12.65 11.12
N ASN A 289 -51.71 11.49 10.79
CA ASN A 289 -50.86 10.38 10.39
C ASN A 289 -50.48 10.53 8.92
N SER A 290 -49.24 10.14 8.60
CA SER A 290 -48.77 10.31 7.23
C SER A 290 -49.55 9.45 6.24
N ASN A 291 -50.06 8.29 6.68
CA ASN A 291 -50.90 7.48 5.81
C ASN A 291 -52.11 8.26 5.30
N ASP A 292 -52.65 9.16 6.11
CA ASP A 292 -53.79 9.98 5.72
C ASP A 292 -53.38 11.20 4.88
N LEU A 293 -52.09 11.52 4.82
CA LEU A 293 -51.60 12.61 4.00
C LEU A 293 -51.14 12.15 2.62
N GLU A 294 -50.91 10.84 2.45
CA GLU A 294 -50.44 10.34 1.18
C GLU A 294 -51.47 10.63 0.09
N TYR A 295 -50.98 11.01 -1.08
CA TYR A 295 -51.72 11.32 -2.30
C TYR A 295 -52.38 12.70 -2.24
N LEU A 296 -52.23 13.45 -1.14
CA LEU A 296 -52.50 14.87 -1.18
C LEU A 296 -51.48 15.54 -2.10
N VAL A 297 -51.78 16.78 -2.49
CA VAL A 297 -50.96 17.50 -3.47
C VAL A 297 -50.59 18.88 -2.91
N ALA A 298 -49.33 19.26 -3.05
CA ALA A 298 -48.85 20.57 -2.68
C ALA A 298 -48.39 21.33 -3.91
N THR A 299 -47.94 22.58 -3.71
CA THR A 299 -47.50 23.45 -4.80
C THR A 299 -46.07 23.91 -4.58
N ASN A 300 -45.22 23.71 -5.60
CA ASN A 300 -43.81 24.12 -5.59
C ASN A 300 -43.70 25.63 -5.68
N PRO A 301 -43.16 26.32 -4.66
CA PRO A 301 -43.16 27.80 -4.71
C PRO A 301 -42.21 28.36 -5.76
N LEU A 302 -41.23 27.59 -6.21
CA LEU A 302 -40.26 28.08 -7.20
C LEU A 302 -40.88 28.23 -8.57
N ASN A 303 -41.75 27.30 -8.98
CA ASN A 303 -42.29 27.29 -10.34
C ASN A 303 -43.79 27.02 -10.41
N GLN A 304 -44.47 26.87 -9.27
CA GLN A 304 -45.93 26.70 -9.13
C GLN A 304 -46.40 25.29 -9.51
N ARG A 305 -45.51 24.33 -9.68
CA ARG A 305 -45.93 23.03 -10.17
C ARG A 305 -46.49 22.18 -9.03
N ASP A 306 -47.35 21.24 -9.41
CA ASP A 306 -47.84 20.23 -8.47
C ASP A 306 -46.68 19.45 -7.88
N SER A 307 -46.86 19.01 -6.63
CA SER A 307 -45.94 18.12 -5.96
C SER A 307 -46.76 17.11 -5.18
N LEU A 308 -46.50 15.83 -5.41
CA LEU A 308 -47.30 14.77 -4.82
C LEU A 308 -46.77 14.45 -3.42
N VAL A 309 -47.68 14.35 -2.46
CA VAL A 309 -47.32 13.91 -1.12
C VAL A 309 -47.24 12.40 -1.15
N ALA A 310 -46.03 11.87 -0.93
CA ALA A 310 -45.78 10.44 -1.02
C ALA A 310 -45.19 9.94 0.27
N LEU A 311 -45.10 8.62 0.38
CA LEU A 311 -44.46 7.94 1.49
C LEU A 311 -43.17 7.33 0.98
N GLY A 312 -42.05 7.76 1.52
CA GLY A 312 -40.78 7.17 1.16
C GLY A 312 -40.47 5.92 1.96
N GLU A 313 -39.49 5.18 1.47
CA GLU A 313 -38.88 4.10 2.23
C GLU A 313 -37.76 4.69 3.09
N HIS A 314 -37.80 4.40 4.38
CA HIS A 314 -36.76 4.85 5.32
C HIS A 314 -36.50 6.36 5.22
N VAL A 315 -37.51 7.14 5.60
CA VAL A 315 -37.32 8.56 5.81
C VAL A 315 -36.77 8.75 7.22
N GLY A 316 -35.63 9.44 7.32
CA GLY A 316 -35.01 9.65 8.61
C GLY A 316 -35.59 10.87 9.32
N LEU A 317 -35.61 10.78 10.64
CA LEU A 317 -36.07 11.88 11.49
C LEU A 317 -34.94 12.42 12.38
N GLU A 318 -33.69 12.20 12.00
CA GLU A 318 -32.57 12.75 12.75
C GLU A 318 -32.20 14.17 12.30
N ASP A 319 -32.41 14.50 11.03
CA ASP A 319 -32.20 15.84 10.54
C ASP A 319 -33.38 16.22 9.65
N GLY A 320 -33.34 17.43 9.12
CA GLY A 320 -34.40 17.86 8.24
C GLY A 320 -35.71 18.03 8.97
N THR A 321 -36.80 17.85 8.22
CA THR A 321 -38.16 18.08 8.70
C THR A 321 -39.04 16.84 8.70
N GLY A 322 -38.54 15.70 8.23
CA GLY A 322 -39.37 14.53 8.02
C GLY A 322 -40.16 14.54 6.73
N ALA A 323 -40.08 15.62 5.95
CA ALA A 323 -40.62 15.73 4.61
C ALA A 323 -39.47 16.01 3.64
N VAL A 324 -39.34 15.19 2.60
CA VAL A 324 -38.15 15.16 1.77
C VAL A 324 -38.50 15.61 0.35
N HIS A 325 -37.87 16.69 -0.09
CA HIS A 325 -37.98 17.13 -1.47
C HIS A 325 -37.45 16.04 -2.39
N THR A 326 -38.30 15.55 -3.30
CA THR A 326 -37.98 14.38 -4.10
C THR A 326 -37.81 14.79 -5.55
N ALA A 327 -36.58 14.60 -6.07
CA ALA A 327 -36.21 14.98 -7.42
C ALA A 327 -35.62 13.76 -8.13
N PRO A 328 -36.46 12.98 -8.81
CA PRO A 328 -36.00 11.74 -9.47
C PRO A 328 -34.83 11.90 -10.44
N GLY A 329 -34.70 13.03 -11.13
CA GLY A 329 -33.57 13.13 -12.04
C GLY A 329 -32.22 13.32 -11.38
N HIS A 330 -32.17 13.60 -10.07
CA HIS A 330 -30.91 13.98 -9.43
C HIS A 330 -30.62 13.23 -8.13
N GLY A 331 -31.36 12.17 -7.83
CA GLY A 331 -31.07 11.38 -6.65
C GLY A 331 -31.54 9.97 -6.87
N GLU A 332 -30.74 8.99 -6.45
CA GLU A 332 -31.04 7.60 -6.80
C GLU A 332 -32.29 7.11 -6.07
N GLU A 333 -32.39 7.35 -4.76
CA GLU A 333 -33.60 6.93 -4.05
C GLU A 333 -34.81 7.73 -4.51
N ASP A 334 -34.62 8.99 -4.86
CA ASP A 334 -35.69 9.78 -5.45
C ASP A 334 -36.22 9.14 -6.73
N TYR A 335 -35.31 8.67 -7.58
CA TYR A 335 -35.69 8.08 -8.88
C TYR A 335 -36.60 6.88 -8.70
N TYR A 336 -36.24 5.95 -7.80
CA TYR A 336 -37.07 4.77 -7.59
C TYR A 336 -38.42 5.14 -6.97
N LEU A 337 -38.46 6.15 -6.10
CA LEU A 337 -39.74 6.61 -5.56
C LEU A 337 -40.60 7.15 -6.70
N GLY A 338 -40.01 7.96 -7.57
CA GLY A 338 -40.77 8.50 -8.69
C GLY A 338 -41.36 7.40 -9.56
N LEU A 339 -40.58 6.37 -9.87
CA LEU A 339 -41.10 5.24 -10.63
C LEU A 339 -42.18 4.51 -9.84
N ARG A 340 -41.98 4.31 -8.54
CA ARG A 340 -42.99 3.62 -7.75
C ARG A 340 -44.34 4.33 -7.85
N TYR A 341 -44.32 5.66 -7.94
CA TYR A 341 -45.55 6.44 -8.06
C TYR A 341 -45.86 6.84 -9.50
N ASN A 342 -45.08 6.37 -10.48
CA ASN A 342 -45.31 6.69 -11.89
C ASN A 342 -45.29 8.20 -12.14
N LEU A 343 -44.27 8.85 -11.58
CA LEU A 343 -44.11 10.29 -11.70
C LEU A 343 -43.08 10.63 -12.77
N GLU A 344 -43.13 11.89 -13.21
CA GLU A 344 -42.17 12.38 -14.19
C GLU A 344 -40.76 12.32 -13.63
N VAL A 345 -39.80 12.02 -14.50
CA VAL A 345 -38.38 12.17 -14.19
C VAL A 345 -37.92 13.47 -14.85
N LEU A 346 -37.87 14.55 -14.07
CA LEU A 346 -37.42 15.84 -14.58
C LEU A 346 -35.90 15.90 -14.49
N MET A 347 -35.25 16.12 -15.64
CA MET A 347 -33.79 16.20 -15.67
C MET A 347 -33.42 17.14 -16.81
N SER A 348 -33.19 18.41 -16.49
CA SER A 348 -32.85 19.40 -17.51
C SER A 348 -31.46 20.00 -17.31
N VAL A 349 -30.55 19.21 -16.75
CA VAL A 349 -29.17 19.65 -16.54
C VAL A 349 -28.29 18.86 -17.51
N ASP A 350 -27.54 19.57 -18.35
CA ASP A 350 -26.79 18.94 -19.43
C ASP A 350 -25.46 18.38 -18.90
N GLU A 351 -24.64 17.90 -19.84
CA GLU A 351 -23.39 17.23 -19.48
C GLU A 351 -22.39 18.17 -18.82
N LYS A 352 -22.47 19.47 -19.12
CA LYS A 352 -21.59 20.45 -18.51
C LYS A 352 -22.14 21.00 -17.18
N GLY A 353 -23.27 20.49 -16.71
CA GLY A 353 -23.81 20.91 -15.44
C GLY A 353 -24.64 22.17 -15.51
N CYS A 354 -25.10 22.54 -16.70
CA CYS A 354 -25.88 23.74 -16.88
C CYS A 354 -27.32 23.39 -17.24
N TYR A 355 -28.23 24.29 -16.89
CA TYR A 355 -29.63 24.13 -17.24
C TYR A 355 -29.79 24.24 -18.75
N ASP A 356 -30.58 23.34 -19.34
CA ASP A 356 -30.79 23.33 -20.78
C ASP A 356 -32.24 23.67 -21.11
N GLU A 357 -32.56 23.61 -22.42
CA GLU A 357 -33.87 24.01 -22.93
C GLU A 357 -35.04 23.33 -22.24
N GLY A 358 -34.83 22.17 -21.61
CA GLY A 358 -35.91 21.46 -20.93
C GLY A 358 -36.55 22.21 -19.78
N ILE A 359 -35.91 23.26 -19.26
CA ILE A 359 -36.56 24.04 -18.21
C ILE A 359 -37.65 24.93 -18.82
N ILE A 360 -37.50 25.32 -20.08
CA ILE A 360 -38.53 26.10 -20.76
C ILE A 360 -39.66 25.20 -21.23
N HIS A 361 -39.30 24.09 -21.89
CA HIS A 361 -40.29 23.21 -22.50
C HIS A 361 -41.33 22.74 -21.49
N ASN A 362 -40.89 22.39 -20.29
CA ASN A 362 -41.78 21.94 -19.22
C ASN A 362 -42.16 23.06 -18.24
N GLN A 363 -41.63 24.27 -18.43
CA GLN A 363 -41.85 25.43 -17.55
C GLN A 363 -41.42 25.14 -16.10
N LEU A 364 -40.22 24.57 -15.96
CA LEU A 364 -39.70 24.19 -14.65
C LEU A 364 -38.92 25.30 -13.97
N LEU A 365 -38.41 26.27 -14.73
CA LEU A 365 -37.55 27.31 -14.21
C LEU A 365 -37.51 28.42 -15.24
N ASP A 366 -37.34 29.66 -14.78
CA ASP A 366 -37.41 30.79 -15.69
C ASP A 366 -36.32 30.74 -16.75
N GLU A 367 -36.62 31.36 -17.89
CA GLU A 367 -35.73 31.31 -19.04
C GLU A 367 -34.38 31.95 -18.74
N SER A 368 -34.34 32.93 -17.82
CA SER A 368 -33.10 33.57 -17.43
C SER A 368 -32.04 32.57 -16.95
N TYR A 369 -32.45 31.36 -16.57
CA TYR A 369 -31.50 30.35 -16.10
C TYR A 369 -30.94 29.48 -17.21
N LEU A 370 -31.35 29.70 -18.45
CA LEU A 370 -30.85 28.87 -19.55
C LEU A 370 -29.34 29.03 -19.68
N GLY A 371 -28.63 27.90 -19.67
CA GLY A 371 -27.19 27.92 -19.80
C GLY A 371 -26.43 28.11 -18.51
N GLU A 372 -27.12 28.37 -17.41
CA GLU A 372 -26.45 28.66 -16.15
C GLU A 372 -26.03 27.37 -15.44
N HIS A 373 -24.81 27.38 -14.89
CA HIS A 373 -24.35 26.25 -14.12
C HIS A 373 -25.17 26.14 -12.83
N VAL A 374 -25.55 24.91 -12.48
CA VAL A 374 -26.47 24.69 -11.37
C VAL A 374 -25.92 25.26 -10.07
N PHE A 375 -24.60 25.20 -9.86
CA PHE A 375 -24.03 25.70 -8.61
C PHE A 375 -23.97 27.22 -8.56
N LYS A 376 -23.81 27.89 -9.71
CA LYS A 376 -23.89 29.35 -9.75
C LYS A 376 -25.32 29.87 -9.70
N ALA A 377 -26.31 29.04 -10.04
CA ALA A 377 -27.70 29.48 -10.04
C ALA A 377 -28.34 29.53 -8.66
N GLN A 378 -27.70 28.95 -7.64
CA GLN A 378 -28.42 28.66 -6.40
C GLN A 378 -28.77 29.93 -5.64
N LYS A 379 -27.87 30.92 -5.62
CA LYS A 379 -28.16 32.17 -4.91
C LYS A 379 -29.39 32.86 -5.46
N ARG A 380 -29.54 32.88 -6.79
CA ARG A 380 -30.71 33.54 -7.36
C ARG A 380 -31.97 32.70 -7.16
N ILE A 381 -31.84 31.37 -7.12
CA ILE A 381 -32.99 30.52 -6.82
C ILE A 381 -33.48 30.77 -5.41
N ILE A 382 -32.57 30.89 -4.45
CA ILE A 382 -32.96 31.07 -3.06
C ILE A 382 -33.75 32.36 -2.90
N GLU A 383 -33.32 33.43 -3.59
CA GLU A 383 -34.04 34.70 -3.52
C GLU A 383 -35.44 34.60 -4.14
N GLN A 384 -35.60 33.80 -5.19
CA GLN A 384 -36.91 33.68 -5.83
C GLN A 384 -37.93 33.00 -4.94
N LEU A 385 -37.49 32.30 -3.89
CA LEU A 385 -38.42 31.60 -3.02
C LEU A 385 -39.25 32.56 -2.16
N GLY A 386 -38.76 33.79 -1.93
CA GLY A 386 -39.56 34.80 -1.26
C GLY A 386 -39.98 34.36 0.13
N ASP A 387 -41.28 34.44 0.40
CA ASP A 387 -41.81 34.08 1.71
C ASP A 387 -41.91 32.59 1.94
N SER A 388 -41.68 31.76 0.92
CA SER A 388 -41.68 30.33 1.17
C SER A 388 -40.37 29.86 1.77
N LEU A 389 -39.32 30.67 1.68
CA LEU A 389 -38.07 30.38 2.35
C LEU A 389 -38.23 30.74 3.83
N LEU A 390 -38.21 29.73 4.71
CA LEU A 390 -38.42 29.97 6.13
C LEU A 390 -37.13 30.18 6.91
N LEU A 391 -36.03 29.59 6.46
CA LEU A 391 -34.75 29.76 7.14
C LEU A 391 -33.65 29.35 6.18
N GLU A 392 -32.63 30.20 6.02
CA GLU A 392 -31.42 29.88 5.28
C GLU A 392 -30.26 29.83 6.26
N GLN A 393 -29.48 28.75 6.19
CA GLN A 393 -28.21 28.67 6.90
C GLN A 393 -27.14 28.30 5.89
N GLU A 394 -25.90 28.33 6.35
CA GLU A 394 -24.76 27.81 5.60
C GLU A 394 -24.12 26.75 6.47
N ILE A 395 -23.98 25.55 5.92
CA ILE A 395 -23.41 24.42 6.64
C ILE A 395 -22.18 23.93 5.88
N GLU A 396 -21.48 22.97 6.44
CA GLU A 396 -20.36 22.30 5.79
C GLU A 396 -20.60 20.79 5.86
N HIS A 397 -20.39 20.10 4.74
CA HIS A 397 -20.62 18.66 4.72
C HIS A 397 -19.61 18.01 3.78
N SER A 398 -19.42 16.72 3.99
CA SER A 398 -18.55 15.93 3.12
C SER A 398 -19.25 15.71 1.77
N TYR A 399 -18.62 16.16 0.68
CA TYR A 399 -19.26 16.19 -0.62
C TYR A 399 -18.37 15.53 -1.68
N PRO A 400 -18.97 14.73 -2.58
CA PRO A 400 -18.18 14.00 -3.59
C PRO A 400 -17.56 14.92 -4.64
N HIS A 401 -16.25 14.77 -4.86
CA HIS A 401 -15.53 15.54 -5.87
C HIS A 401 -14.86 14.61 -6.86
N CYS A 402 -14.72 15.10 -8.08
CA CYS A 402 -14.07 14.33 -9.13
C CYS A 402 -12.59 14.12 -8.79
N TRP A 403 -12.12 12.87 -8.90
CA TRP A 403 -10.76 12.56 -8.44
C TRP A 403 -9.67 13.27 -9.25
N ARG A 404 -9.94 13.69 -10.48
CA ARG A 404 -8.88 14.29 -11.27
C ARG A 404 -9.10 15.76 -11.61
N THR A 405 -10.34 16.20 -11.80
CA THR A 405 -10.55 17.63 -11.96
C THR A 405 -10.70 18.35 -10.63
N HIS A 406 -10.95 17.61 -9.54
CA HIS A 406 -11.11 18.15 -8.19
C HIS A 406 -12.33 19.04 -8.06
N LYS A 407 -13.23 18.95 -9.01
CA LYS A 407 -14.45 19.73 -8.95
C LYS A 407 -15.57 18.90 -8.34
N PRO A 408 -16.54 19.57 -7.71
CA PRO A 408 -17.67 18.84 -7.13
C PRO A 408 -18.48 18.16 -8.22
N VAL A 409 -18.94 16.95 -7.93
CA VAL A 409 -19.77 16.24 -8.91
C VAL A 409 -21.23 16.58 -8.64
N ILE A 410 -22.09 16.26 -9.61
CA ILE A 410 -23.53 16.31 -9.38
C ILE A 410 -24.08 14.93 -9.70
N TYR A 411 -25.40 14.79 -9.68
CA TYR A 411 -26.05 13.57 -10.10
C TYR A 411 -26.98 13.89 -11.24
N ARG A 412 -26.98 13.04 -12.27
CA ARG A 412 -27.86 13.17 -13.43
C ARG A 412 -28.42 11.80 -13.78
N ALA A 413 -29.73 11.73 -14.00
CA ALA A 413 -30.29 10.52 -14.60
C ALA A 413 -29.68 10.35 -15.98
N THR A 414 -29.11 9.18 -16.22
CA THR A 414 -28.43 8.90 -17.49
C THR A 414 -28.44 7.39 -17.69
N THR A 415 -28.31 6.97 -18.95
CA THR A 415 -28.22 5.56 -19.29
C THR A 415 -26.74 5.18 -19.41
N GLN A 416 -26.31 4.26 -18.54
CA GLN A 416 -24.93 3.78 -18.47
C GLN A 416 -24.92 2.25 -18.37
N TRP A 417 -23.73 1.68 -18.38
CA TRP A 417 -23.53 0.23 -18.36
C TRP A 417 -22.98 -0.16 -17.00
N PHE A 418 -23.48 -1.27 -16.47
CA PHE A 418 -23.15 -1.66 -15.11
C PHE A 418 -22.76 -3.14 -15.04
N ILE A 419 -21.86 -3.45 -14.12
CA ILE A 419 -21.72 -4.80 -13.61
C ILE A 419 -22.65 -4.93 -12.41
N LEU A 420 -23.60 -5.87 -12.48
CA LEU A 420 -24.62 -6.01 -11.43
C LEU A 420 -24.11 -6.88 -10.29
N MET A 421 -24.43 -6.46 -9.05
CA MET A 421 -23.96 -7.08 -7.81
C MET A 421 -24.91 -8.13 -7.28
N ASP A 422 -26.20 -7.97 -7.50
CA ASP A 422 -27.20 -8.85 -6.91
C ASP A 422 -27.99 -9.57 -7.99
N GLU A 423 -27.34 -9.77 -9.15
CA GLU A 423 -27.90 -10.53 -10.24
C GLU A 423 -27.37 -11.97 -10.20
N PRO A 424 -28.20 -12.97 -9.98
CA PRO A 424 -27.71 -14.36 -9.98
C PRO A 424 -27.09 -14.68 -11.33
N PHE A 425 -25.98 -15.43 -11.29
CA PHE A 425 -25.37 -15.88 -12.54
C PHE A 425 -24.79 -17.27 -12.35
N ILE A 426 -24.53 -17.94 -13.46
CA ILE A 426 -24.16 -19.34 -13.44
C ILE A 426 -22.68 -19.46 -13.08
N GLN A 427 -22.40 -20.15 -11.98
CA GLN A 427 -21.04 -20.39 -11.52
C GLN A 427 -20.35 -21.41 -12.41
N ASN A 428 -19.02 -21.45 -12.32
CA ASN A 428 -18.25 -22.42 -13.11
C ASN A 428 -18.51 -23.85 -12.66
N ASP A 429 -18.93 -24.05 -11.41
CA ASP A 429 -19.23 -25.39 -10.94
C ASP A 429 -20.68 -25.80 -11.18
N GLY A 430 -21.46 -24.96 -11.87
CA GLY A 430 -22.83 -25.27 -12.19
C GLY A 430 -23.87 -24.62 -11.29
N SER A 431 -23.47 -24.06 -10.14
CA SER A 431 -24.43 -23.54 -9.20
C SER A 431 -24.81 -22.09 -9.56
N GLN A 432 -25.66 -21.49 -8.72
CA GLN A 432 -26.25 -20.18 -9.00
C GLN A 432 -26.02 -19.26 -7.81
N LYS A 433 -25.38 -18.12 -8.06
CA LYS A 433 -24.99 -17.19 -7.00
C LYS A 433 -24.88 -15.79 -7.58
N THR A 434 -25.13 -14.78 -6.75
CA THR A 434 -24.87 -13.40 -7.13
C THR A 434 -23.39 -13.07 -6.97
N LEU A 435 -22.97 -12.00 -7.64
CA LEU A 435 -21.58 -11.57 -7.53
C LEU A 435 -21.25 -11.15 -6.09
N ARG A 436 -22.19 -10.45 -5.44
CA ARG A 436 -21.97 -10.07 -4.05
C ARG A 436 -21.70 -11.30 -3.20
N GLU A 437 -22.52 -12.35 -3.40
CA GLU A 437 -22.33 -13.59 -2.64
C GLU A 437 -20.99 -14.23 -2.94
N VAL A 438 -20.60 -14.28 -4.22
CA VAL A 438 -19.33 -14.93 -4.58
C VAL A 438 -18.16 -14.15 -3.99
N ALA A 439 -18.20 -12.81 -4.11
CA ALA A 439 -17.10 -12.00 -3.60
C ALA A 439 -16.95 -12.15 -2.08
N LEU A 440 -18.07 -12.22 -1.34
CA LEU A 440 -17.98 -12.41 0.10
C LEU A 440 -17.39 -13.77 0.45
N ASP A 441 -17.82 -14.83 -0.23
CA ASP A 441 -17.18 -16.14 -0.05
C ASP A 441 -15.69 -16.07 -0.36
N ALA A 442 -15.33 -15.45 -1.48
CA ALA A 442 -13.93 -15.45 -1.92
C ALA A 442 -13.03 -14.75 -0.92
N ILE A 443 -13.54 -13.68 -0.29
CA ILE A 443 -12.76 -12.92 0.68
C ILE A 443 -12.36 -13.79 1.87
N GLU A 444 -13.25 -14.70 2.30
CA GLU A 444 -12.96 -15.56 3.44
C GLU A 444 -11.82 -16.54 3.18
N LYS A 445 -11.38 -16.70 1.94
CA LYS A 445 -10.26 -17.58 1.61
C LYS A 445 -8.96 -16.83 1.38
N VAL A 446 -8.95 -15.53 1.52
CA VAL A 446 -7.74 -14.74 1.28
C VAL A 446 -7.12 -14.42 2.62
N GLU A 447 -5.80 -14.53 2.70
CA GLU A 447 -5.06 -14.11 3.87
C GLU A 447 -4.74 -12.63 3.77
N PHE A 448 -5.10 -11.87 4.79
CA PHE A 448 -4.84 -10.44 4.84
C PHE A 448 -3.77 -10.14 5.89
N VAL A 449 -2.79 -9.32 5.53
CA VAL A 449 -1.75 -8.88 6.46
C VAL A 449 -1.71 -7.35 6.45
N PRO A 450 -2.15 -6.68 7.52
CA PRO A 450 -2.73 -7.22 8.77
C PRO A 450 -4.12 -7.83 8.59
N SER A 451 -4.53 -8.68 9.54
CA SER A 451 -5.82 -9.38 9.44
C SER A 451 -6.99 -8.42 9.31
N SER A 452 -6.87 -7.23 9.93
CA SER A 452 -7.93 -6.23 9.89
C SER A 452 -8.33 -5.85 8.48
N GLY A 453 -7.43 -6.01 7.51
CA GLY A 453 -7.77 -5.65 6.14
C GLY A 453 -8.97 -6.41 5.60
N LYS A 454 -9.21 -7.63 6.12
CA LYS A 454 -10.31 -8.45 5.61
C LYS A 454 -11.64 -7.74 5.78
N ASN A 455 -11.95 -7.27 7.00
CA ASN A 455 -13.24 -6.63 7.24
C ASN A 455 -13.35 -5.24 6.61
N ARG A 456 -12.24 -4.56 6.35
CA ARG A 456 -12.32 -3.35 5.53
C ARG A 456 -12.88 -3.70 4.16
N LEU A 457 -12.27 -4.68 3.49
CA LEU A 457 -12.74 -5.06 2.16
C LEU A 457 -14.11 -5.70 2.20
N LYS A 458 -14.36 -6.56 3.20
CA LYS A 458 -15.67 -7.20 3.33
C LYS A 458 -16.79 -6.18 3.51
N THR A 459 -16.56 -5.13 4.31
CA THR A 459 -17.59 -4.13 4.51
C THR A 459 -17.92 -3.40 3.21
N MET A 460 -16.90 -3.07 2.43
CA MET A 460 -17.14 -2.41 1.16
C MET A 460 -17.95 -3.32 0.22
N ILE A 461 -17.57 -4.60 0.15
CA ILE A 461 -18.33 -5.53 -0.69
C ILE A 461 -19.77 -5.64 -0.19
N GLU A 462 -19.97 -5.70 1.13
CA GLU A 462 -21.32 -5.81 1.66
C GLU A 462 -22.18 -4.62 1.25
N ASN A 463 -21.58 -3.44 1.11
CA ASN A 463 -22.35 -2.21 0.93
C ASN A 463 -22.30 -1.64 -0.48
N ARG A 464 -21.46 -2.16 -1.37
CA ARG A 464 -21.26 -1.47 -2.63
C ARG A 464 -22.48 -1.62 -3.53
N PRO A 465 -22.73 -0.61 -4.41
CA PRO A 465 -23.80 -0.73 -5.39
C PRO A 465 -23.33 -1.39 -6.68
N ASP A 466 -24.22 -1.49 -7.67
CA ASP A 466 -23.81 -1.89 -9.00
C ASP A 466 -22.69 -0.99 -9.50
N TRP A 467 -21.80 -1.54 -10.30
CA TRP A 467 -20.57 -0.87 -10.74
C TRP A 467 -20.79 -0.24 -12.11
N CYS A 468 -20.87 1.10 -12.16
CA CYS A 468 -20.94 1.78 -13.44
C CYS A 468 -19.60 1.68 -14.16
N LEU A 469 -19.63 1.18 -15.40
CA LEU A 469 -18.43 0.90 -16.18
C LEU A 469 -18.16 1.92 -17.27
N SER A 470 -19.18 2.54 -17.85
CA SER A 470 -19.03 3.35 -19.06
C SER A 470 -18.62 4.78 -18.71
N ARG A 471 -17.64 5.30 -19.44
CA ARG A 471 -17.14 6.65 -19.28
C ARG A 471 -17.16 7.35 -20.64
N GLN A 472 -17.24 8.68 -20.62
CA GLN A 472 -17.42 9.42 -21.86
C GLN A 472 -16.17 10.16 -22.30
N ARG A 473 -14.99 9.61 -22.01
CA ARG A 473 -13.71 10.13 -22.46
C ARG A 473 -13.22 9.27 -23.63
N LYS A 474 -12.03 9.58 -24.13
CA LYS A 474 -11.51 8.91 -25.32
C LYS A 474 -10.33 7.99 -25.06
N TRP A 475 -9.53 8.25 -24.02
CA TRP A 475 -8.32 7.46 -23.76
C TRP A 475 -8.66 6.30 -22.83
N GLY A 476 -8.79 5.11 -23.42
CA GLY A 476 -9.15 3.93 -22.67
C GLY A 476 -9.66 2.87 -23.62
N VAL A 477 -10.04 1.75 -23.04
CA VAL A 477 -10.55 0.59 -23.80
C VAL A 477 -12.04 0.77 -24.02
N PRO A 478 -12.55 0.78 -25.24
CA PRO A 478 -13.98 0.95 -25.45
C PRO A 478 -14.79 -0.27 -25.01
N LEU A 479 -16.00 -0.01 -24.54
CA LEU A 479 -17.03 -1.06 -24.40
C LEU A 479 -17.50 -1.40 -25.80
N ALA A 480 -16.66 -2.16 -26.52
CA ALA A 480 -16.78 -2.27 -27.97
C ALA A 480 -17.81 -3.35 -28.34
N PHE A 481 -19.07 -3.02 -28.08
CA PHE A 481 -20.19 -3.82 -28.57
C PHE A 481 -21.05 -3.01 -29.52
N PHE A 482 -21.71 -3.69 -30.44
CA PHE A 482 -22.69 -3.07 -31.32
C PHE A 482 -24.08 -3.21 -30.73
N ILE A 483 -24.89 -2.17 -30.89
CA ILE A 483 -26.31 -2.28 -30.60
C ILE A 483 -27.02 -2.62 -31.90
N ASP A 484 -27.77 -3.71 -31.89
CA ASP A 484 -28.62 -4.06 -33.03
C ASP A 484 -29.82 -3.11 -33.03
N LYS A 485 -29.94 -2.31 -34.10
CA LYS A 485 -31.01 -1.32 -34.16
C LYS A 485 -32.37 -1.98 -34.24
N ARG A 486 -32.45 -3.19 -34.83
CA ARG A 486 -33.72 -3.90 -34.94
C ARG A 486 -34.28 -4.31 -33.58
N THR A 487 -33.42 -4.59 -32.61
CA THR A 487 -33.85 -5.03 -31.28
C THR A 487 -33.57 -4.03 -30.17
N ASN A 488 -32.66 -3.07 -30.41
CA ASN A 488 -32.19 -2.10 -29.42
C ASN A 488 -31.49 -2.77 -28.24
N LYS A 489 -30.85 -3.91 -28.50
CA LYS A 489 -30.11 -4.65 -27.49
C LYS A 489 -28.70 -4.91 -27.99
N PRO A 490 -27.74 -5.07 -27.09
CA PRO A 490 -26.36 -5.30 -27.52
C PRO A 490 -26.19 -6.66 -28.20
N CYS A 491 -25.19 -6.73 -29.07
CA CYS A 491 -24.84 -7.99 -29.73
C CYS A 491 -23.72 -8.66 -28.93
N PHE A 492 -24.02 -9.83 -28.37
CA PHE A 492 -23.06 -10.64 -27.62
C PHE A 492 -22.76 -11.95 -28.33
N GLU A 493 -22.97 -12.01 -29.65
CA GLU A 493 -22.66 -13.21 -30.41
C GLU A 493 -21.16 -13.47 -30.39
N SER A 494 -20.78 -14.73 -30.07
CA SER A 494 -19.37 -15.07 -29.88
C SER A 494 -18.53 -14.74 -31.12
N GLU A 495 -19.06 -14.99 -32.32
CA GLU A 495 -18.28 -14.70 -33.52
C GLU A 495 -17.99 -13.20 -33.63
N VAL A 496 -18.97 -12.35 -33.30
CA VAL A 496 -18.76 -10.90 -33.34
C VAL A 496 -17.74 -10.47 -32.30
N LEU A 497 -17.91 -10.92 -31.05
CA LEU A 497 -17.03 -10.46 -29.97
C LEU A 497 -15.59 -10.87 -30.21
N GLU A 498 -15.37 -12.12 -30.61
CA GLU A 498 -13.99 -12.57 -30.78
C GLU A 498 -13.35 -11.94 -32.02
N HIS A 499 -14.14 -11.65 -33.05
CA HIS A 499 -13.58 -10.94 -34.20
C HIS A 499 -13.05 -9.57 -33.79
N VAL A 500 -13.81 -8.85 -32.96
CA VAL A 500 -13.35 -7.57 -32.45
C VAL A 500 -12.12 -7.74 -31.56
N ALA A 501 -12.12 -8.78 -30.71
CA ALA A 501 -10.99 -8.99 -29.81
C ALA A 501 -9.70 -9.25 -30.59
N ASN A 502 -9.79 -10.01 -31.68
CA ASN A 502 -8.63 -10.28 -32.52
C ASN A 502 -8.09 -9.02 -33.17
N LEU A 503 -8.97 -8.17 -33.70
CA LEU A 503 -8.54 -6.89 -34.26
C LEU A 503 -7.82 -6.07 -33.20
N PHE A 504 -8.39 -5.99 -32.00
CA PHE A 504 -7.73 -5.24 -30.92
C PHE A 504 -6.34 -5.79 -30.62
N GLU A 505 -6.20 -7.13 -30.60
CA GLU A 505 -4.92 -7.72 -30.25
C GLU A 505 -3.86 -7.39 -31.29
N LYS A 506 -4.24 -7.31 -32.56
CA LYS A 506 -3.30 -7.03 -33.63
C LYS A 506 -3.08 -5.53 -33.86
N LYS A 507 -4.12 -4.70 -33.78
CA LYS A 507 -3.98 -3.28 -34.12
C LYS A 507 -4.30 -2.31 -33.00
N GLY A 508 -4.81 -2.78 -31.87
CA GLY A 508 -5.20 -1.91 -30.78
C GLY A 508 -6.57 -1.30 -31.01
N CYS A 509 -7.09 -0.67 -29.95
CA CYS A 509 -8.45 -0.14 -29.96
C CYS A 509 -8.66 1.10 -30.83
N ASP A 510 -7.59 1.68 -31.38
CA ASP A 510 -7.76 2.81 -32.29
C ASP A 510 -8.75 2.50 -33.40
N VAL A 511 -8.78 1.24 -33.86
CA VAL A 511 -9.63 0.87 -34.99
C VAL A 511 -11.11 0.97 -34.64
N TRP A 512 -11.45 0.92 -33.34
CA TRP A 512 -12.84 1.09 -32.96
C TRP A 512 -13.35 2.48 -33.34
N TRP A 513 -12.46 3.48 -33.31
CA TRP A 513 -12.85 4.83 -33.77
C TRP A 513 -12.68 4.99 -35.27
N GLU A 514 -11.68 4.33 -35.87
CA GLU A 514 -11.35 4.57 -37.26
C GLU A 514 -12.17 3.72 -38.24
N TYR A 515 -12.30 2.41 -37.96
CA TYR A 515 -12.98 1.53 -38.89
C TYR A 515 -14.49 1.81 -38.91
N SER A 516 -15.12 1.47 -40.04
CA SER A 516 -16.57 1.50 -40.13
C SER A 516 -17.17 0.25 -39.49
N VAL A 517 -18.48 0.33 -39.19
CA VAL A 517 -19.19 -0.81 -38.63
C VAL A 517 -18.95 -2.05 -39.49
N LYS A 518 -19.12 -1.91 -40.80
CA LYS A 518 -18.91 -3.03 -41.70
C LYS A 518 -17.50 -3.60 -41.55
N ASP A 519 -16.50 -2.72 -41.49
CA ASP A 519 -15.12 -3.17 -41.37
C ASP A 519 -14.84 -3.86 -40.04
N LEU A 520 -15.63 -3.57 -39.00
CA LEU A 520 -15.44 -4.14 -37.68
C LEU A 520 -16.25 -5.40 -37.44
N LEU A 521 -17.07 -5.82 -38.41
CA LEU A 521 -17.92 -6.99 -38.31
C LEU A 521 -17.32 -8.17 -39.08
N PRO A 522 -17.53 -9.39 -38.57
CA PRO A 522 -17.11 -10.59 -39.32
C PRO A 522 -17.69 -10.59 -40.73
N PRO A 523 -17.05 -11.29 -41.67
CA PRO A 523 -17.58 -11.31 -43.06
C PRO A 523 -19.02 -11.75 -43.16
N SER A 524 -19.46 -12.68 -42.31
CA SER A 524 -20.83 -13.19 -42.34
C SER A 524 -21.87 -12.17 -41.87
N TYR A 525 -21.46 -11.07 -41.25
CA TYR A 525 -22.40 -10.07 -40.75
C TYR A 525 -22.47 -8.81 -41.59
N GLN A 526 -21.53 -8.62 -42.52
CA GLN A 526 -21.39 -7.32 -43.19
C GLN A 526 -22.60 -6.96 -44.04
N GLU A 527 -23.35 -7.96 -44.52
CA GLU A 527 -24.62 -7.68 -45.19
C GLU A 527 -25.66 -7.06 -44.27
N ASP A 528 -25.45 -7.13 -42.95
CA ASP A 528 -26.38 -6.55 -41.99
C ASP A 528 -25.75 -5.43 -41.19
N ALA A 529 -24.65 -4.85 -41.69
CA ALA A 529 -23.98 -3.77 -40.99
C ALA A 529 -24.86 -2.55 -40.83
N LYS A 530 -25.86 -2.39 -41.70
CA LYS A 530 -26.77 -1.25 -41.61
C LYS A 530 -27.55 -1.27 -40.30
N HIS A 531 -27.71 -2.43 -39.66
CA HIS A 531 -28.53 -2.56 -38.47
C HIS A 531 -27.76 -2.39 -37.17
N TYR A 532 -26.44 -2.17 -37.23
CA TYR A 532 -25.62 -2.14 -36.04
C TYR A 532 -24.98 -0.77 -35.83
N GLU A 533 -24.84 -0.40 -34.55
CA GLU A 533 -24.33 0.90 -34.14
C GLU A 533 -23.33 0.71 -33.02
N LYS A 534 -22.18 1.35 -33.13
CA LYS A 534 -21.12 1.21 -32.12
C LYS A 534 -21.51 1.87 -30.80
N ILE A 535 -21.18 1.20 -29.71
CA ILE A 535 -21.13 1.86 -28.41
C ILE A 535 -19.76 2.53 -28.29
N MET A 536 -19.73 3.80 -27.90
CA MET A 536 -18.48 4.55 -27.90
C MET A 536 -17.96 4.86 -26.50
N HIS A 537 -18.68 4.47 -25.45
CA HIS A 537 -18.16 4.63 -24.10
C HIS A 537 -16.89 3.81 -23.94
N ILE A 538 -16.02 4.28 -23.04
CA ILE A 538 -14.82 3.54 -22.68
C ILE A 538 -14.95 3.01 -21.27
N LEU A 539 -14.08 2.06 -20.93
CA LEU A 539 -14.18 1.38 -19.65
C LEU A 539 -13.54 2.21 -18.55
N ASP A 540 -14.22 2.24 -17.41
CA ASP A 540 -13.63 2.65 -16.14
C ASP A 540 -12.20 2.14 -16.04
N VAL A 541 -11.27 3.03 -15.70
CA VAL A 541 -9.87 2.59 -15.63
C VAL A 541 -9.68 1.59 -14.49
N TRP A 542 -10.57 1.58 -13.50
CA TRP A 542 -10.51 0.56 -12.46
C TRP A 542 -10.88 -0.82 -12.98
N PHE A 543 -11.64 -0.90 -14.07
CA PHE A 543 -11.80 -2.20 -14.73
C PHE A 543 -10.50 -2.63 -15.41
N ASP A 544 -9.78 -1.70 -16.04
CA ASP A 544 -8.49 -2.02 -16.65
C ASP A 544 -7.56 -2.68 -15.65
N SER A 545 -7.28 -2.00 -14.55
CA SER A 545 -6.33 -2.54 -13.57
C SER A 545 -6.93 -3.72 -12.81
N GLY A 546 -8.24 -3.75 -12.62
CA GLY A 546 -8.87 -4.94 -12.06
C GLY A 546 -8.72 -6.17 -12.94
N SER A 547 -8.36 -5.99 -14.21
CA SER A 547 -8.16 -7.05 -15.18
C SER A 547 -6.70 -7.49 -15.32
N THR A 548 -5.76 -6.93 -14.54
CA THR A 548 -4.36 -7.24 -14.77
C THR A 548 -4.10 -8.73 -14.52
N PHE A 549 -4.78 -9.32 -13.53
CA PHE A 549 -4.58 -10.75 -13.27
C PHE A 549 -4.84 -11.59 -14.51
N LYS A 550 -5.86 -11.24 -15.29
CA LYS A 550 -6.21 -11.97 -16.50
C LYS A 550 -5.21 -11.69 -17.62
N ALA A 551 -4.90 -10.40 -17.84
CA ALA A 551 -4.00 -10.02 -18.93
C ALA A 551 -2.57 -10.48 -18.69
N VAL A 552 -2.14 -10.58 -17.44
CA VAL A 552 -0.74 -10.84 -17.10
C VAL A 552 -0.51 -12.28 -16.65
N LEU A 553 -1.29 -12.75 -15.68
CA LEU A 553 -1.05 -14.07 -15.12
C LEU A 553 -1.67 -15.16 -15.99
N GLU A 554 -2.93 -14.99 -16.41
CA GLU A 554 -3.60 -16.06 -17.12
C GLU A 554 -3.26 -16.08 -18.61
N ASP A 555 -3.21 -14.91 -19.26
CA ASP A 555 -3.03 -14.85 -20.70
C ASP A 555 -1.61 -15.15 -21.15
N TYR A 556 -0.65 -15.23 -20.23
CA TYR A 556 0.69 -15.71 -20.52
C TYR A 556 0.95 -17.09 -19.91
N HIS A 557 -0.09 -17.76 -19.43
CA HIS A 557 -0.07 -19.18 -19.09
C HIS A 557 1.06 -19.53 -18.11
N GLY A 558 1.26 -18.66 -17.12
CA GLY A 558 2.21 -18.90 -16.05
C GLY A 558 3.57 -18.27 -16.26
N GLU A 559 3.91 -17.85 -17.47
CA GLU A 559 5.24 -17.33 -17.74
C GLU A 559 5.54 -16.04 -16.98
N LYS A 560 4.53 -15.35 -16.47
CA LYS A 560 4.72 -14.17 -15.64
C LYS A 560 4.14 -14.35 -14.24
N GLY A 561 3.85 -15.58 -13.85
CA GLY A 561 3.26 -15.86 -12.57
C GLY A 561 1.97 -16.66 -12.69
N GLN A 562 1.55 -17.25 -11.57
CA GLN A 562 0.33 -18.05 -11.54
C GLN A 562 -0.85 -17.19 -11.15
N SER A 563 -2.02 -17.60 -11.60
CA SER A 563 -3.29 -17.06 -11.14
C SER A 563 -3.99 -18.15 -10.35
N PRO A 564 -4.38 -17.92 -9.08
CA PRO A 564 -4.21 -16.69 -8.29
C PRO A 564 -2.76 -16.45 -7.90
N SER A 565 -2.35 -15.18 -7.78
CA SER A 565 -1.00 -14.89 -7.32
C SER A 565 -0.84 -15.29 -5.86
N ASP A 566 0.42 -15.49 -5.44
CA ASP A 566 0.67 -15.78 -4.04
C ASP A 566 0.50 -14.54 -3.16
N VAL A 567 0.84 -13.37 -3.68
CA VAL A 567 0.91 -12.15 -2.87
C VAL A 567 0.62 -10.95 -3.76
N ILE A 568 -0.17 -10.02 -3.25
CA ILE A 568 -0.18 -8.66 -3.77
C ILE A 568 0.07 -7.74 -2.60
N LEU A 569 0.67 -6.58 -2.89
CA LEU A 569 1.17 -5.73 -1.82
C LEU A 569 1.00 -4.28 -2.27
N GLU A 570 0.06 -3.56 -1.65
CA GLU A 570 -0.19 -2.17 -1.98
C GLU A 570 -0.64 -1.43 -0.72
N GLY A 571 -0.83 -0.13 -0.84
CA GLY A 571 -1.31 0.67 0.27
C GLY A 571 -2.71 0.27 0.73
N SER A 572 -3.03 0.55 1.99
CA SER A 572 -4.34 0.21 2.51
C SER A 572 -5.46 1.03 1.86
N ASP A 573 -5.12 1.95 0.95
CA ASP A 573 -6.15 2.66 0.19
C ASP A 573 -6.66 1.84 -1.00
N GLN A 574 -6.08 0.67 -1.27
CA GLN A 574 -6.54 -0.14 -2.39
C GLN A 574 -7.69 -1.06 -2.05
N HIS A 575 -8.09 -1.13 -0.76
CA HIS A 575 -9.38 -1.76 -0.45
C HIS A 575 -10.51 -1.08 -1.22
N ARG A 576 -10.48 0.26 -1.30
CA ARG A 576 -11.40 1.04 -2.11
C ARG A 576 -11.05 1.01 -3.61
N GLY A 577 -9.86 0.55 -3.99
CA GLY A 577 -9.48 0.55 -5.39
C GLY A 577 -9.13 -0.81 -5.96
N TRP A 578 -7.84 -1.04 -6.17
CA TRP A 578 -7.39 -2.20 -6.95
C TRP A 578 -7.78 -3.53 -6.31
N PHE A 579 -7.68 -3.67 -4.97
CA PHE A 579 -8.09 -4.93 -4.34
C PHE A 579 -9.53 -5.26 -4.70
N GLN A 580 -10.39 -4.24 -4.70
CA GLN A 580 -11.81 -4.45 -4.89
C GLN A 580 -12.13 -4.76 -6.34
N SER A 581 -11.57 -3.99 -7.29
CA SER A 581 -11.89 -4.25 -8.69
C SER A 581 -11.30 -5.58 -9.15
N SER A 582 -10.10 -5.94 -8.69
CA SER A 582 -9.53 -7.25 -9.01
C SER A 582 -10.37 -8.37 -8.39
N LEU A 583 -10.84 -8.17 -7.16
CA LEU A 583 -11.68 -9.17 -6.53
C LEU A 583 -12.95 -9.42 -7.34
N LEU A 584 -13.61 -8.34 -7.78
CA LEU A 584 -14.89 -8.49 -8.46
C LEU A 584 -14.74 -9.19 -9.80
N ILE A 585 -13.73 -8.79 -10.59
CA ILE A 585 -13.52 -9.41 -11.90
C ILE A 585 -13.04 -10.84 -11.74
N GLY A 586 -12.11 -11.08 -10.81
CA GLY A 586 -11.72 -12.44 -10.52
C GLY A 586 -12.91 -13.31 -10.17
N CYS A 587 -13.88 -12.75 -9.44
CA CYS A 587 -15.03 -13.53 -9.02
C CYS A 587 -16.02 -13.80 -10.17
N VAL A 588 -16.09 -12.92 -11.17
CA VAL A 588 -16.92 -13.26 -12.33
C VAL A 588 -16.26 -14.35 -13.15
N LEU A 589 -14.97 -14.18 -13.44
CA LEU A 589 -14.28 -15.07 -14.37
C LEU A 589 -13.98 -16.42 -13.75
N ASN A 590 -13.47 -16.42 -12.51
CA ASN A 590 -13.00 -17.61 -11.83
C ASN A 590 -13.78 -17.96 -10.57
N ASN A 591 -14.75 -17.14 -10.16
CA ASN A 591 -15.50 -17.33 -8.92
C ASN A 591 -14.57 -17.37 -7.70
N GLN A 592 -13.42 -16.69 -7.77
CA GLN A 592 -12.54 -16.61 -6.62
C GLN A 592 -11.66 -15.37 -6.77
N ALA A 593 -11.06 -14.95 -5.66
CA ALA A 593 -10.11 -13.85 -5.73
C ALA A 593 -8.90 -14.26 -6.55
N PRO A 594 -8.33 -13.36 -7.34
CA PRO A 594 -7.12 -13.69 -8.12
C PRO A 594 -5.83 -13.56 -7.32
N PHE A 595 -5.92 -13.44 -6.01
CA PHE A 595 -4.78 -13.40 -5.11
C PHE A 595 -5.05 -14.29 -3.90
N LYS A 596 -3.98 -14.87 -3.34
CA LYS A 596 -4.13 -15.66 -2.14
C LYS A 596 -3.91 -14.84 -0.88
N LYS A 597 -3.11 -13.78 -0.97
CA LYS A 597 -2.69 -13.03 0.20
C LYS A 597 -2.54 -11.56 -0.18
N VAL A 598 -2.97 -10.69 0.74
CA VAL A 598 -2.86 -9.24 0.56
C VAL A 598 -2.06 -8.69 1.73
N ILE A 599 -0.96 -8.01 1.44
CA ILE A 599 -0.18 -7.28 2.43
C ILE A 599 -0.35 -5.79 2.16
N THR A 600 -0.75 -5.02 3.17
CA THR A 600 -0.92 -3.58 2.98
C THR A 600 0.08 -2.79 3.81
N HIS A 601 0.33 -1.56 3.37
CA HIS A 601 1.16 -0.61 4.09
C HIS A 601 0.41 0.71 4.15
N GLY A 602 0.85 1.58 5.05
CA GLY A 602 0.29 2.90 5.18
C GLY A 602 0.92 3.87 4.21
N PHE A 603 0.82 5.15 4.52
CA PHE A 603 1.26 6.21 3.64
C PHE A 603 2.45 6.94 4.23
N ILE A 604 3.21 7.57 3.34
CA ILE A 604 4.27 8.48 3.74
C ILE A 604 3.64 9.79 4.19
N VAL A 605 3.96 10.20 5.41
CA VAL A 605 3.43 11.45 5.97
C VAL A 605 4.59 12.29 6.46
N ASP A 606 4.29 13.54 6.84
CA ASP A 606 5.33 14.44 7.28
C ASP A 606 5.64 14.17 8.75
N GLU A 607 6.43 15.05 9.35
CA GLU A 607 6.90 14.87 10.72
C GLU A 607 5.76 14.91 11.74
N LYS A 608 4.72 15.69 11.48
CA LYS A 608 3.57 15.74 12.37
C LYS A 608 2.46 14.76 11.98
N GLY A 609 2.79 13.72 11.22
CA GLY A 609 1.81 12.74 10.79
C GLY A 609 0.80 13.23 9.78
N GLU A 610 0.93 14.46 9.29
CA GLU A 610 -0.02 15.01 8.35
C GLU A 610 0.31 14.61 6.92
N LYS A 611 -0.71 14.69 6.07
CA LYS A 611 -0.58 14.35 4.65
C LYS A 611 0.36 15.32 3.95
N MET A 612 1.17 14.79 3.02
CA MET A 612 2.05 15.61 2.21
C MET A 612 1.30 16.13 0.99
N SER A 613 1.36 17.45 0.77
CA SER A 613 0.67 18.07 -0.36
C SER A 613 1.46 19.28 -0.81
N LYS A 614 1.27 19.64 -2.08
CA LYS A 614 1.93 20.85 -2.58
C LYS A 614 1.33 22.10 -1.98
N SER A 615 0.05 22.06 -1.63
CA SER A 615 -0.58 23.21 -0.97
C SER A 615 0.04 23.48 0.40
N LYS A 616 0.49 22.44 1.09
CA LYS A 616 1.08 22.59 2.41
C LYS A 616 2.58 22.86 2.37
N GLY A 617 3.23 22.61 1.24
CA GLY A 617 4.67 22.83 1.15
C GLY A 617 5.49 21.90 2.00
N ASN A 618 4.96 20.71 2.31
CA ASN A 618 5.67 19.74 3.15
C ASN A 618 6.02 18.45 2.38
N VAL A 619 6.14 18.53 1.06
CA VAL A 619 6.47 17.33 0.27
C VAL A 619 7.98 17.14 0.28
N VAL A 620 8.40 15.91 0.59
CA VAL A 620 9.79 15.49 0.49
C VAL A 620 9.92 14.63 -0.76
N SER A 621 10.76 15.05 -1.70
CA SER A 621 10.86 14.34 -2.96
C SER A 621 11.72 13.10 -2.82
N LEU A 622 11.44 12.12 -3.67
CA LEU A 622 12.23 10.89 -3.64
C LEU A 622 13.70 11.16 -3.95
N ASP A 623 13.96 12.00 -4.95
CA ASP A 623 15.35 12.34 -5.29
C ASP A 623 16.08 12.91 -4.07
N LYS A 624 15.48 13.91 -3.43
CA LYS A 624 16.11 14.55 -2.27
C LYS A 624 16.41 13.54 -1.17
N LEU A 625 15.46 12.63 -0.89
CA LEU A 625 15.66 11.66 0.18
C LEU A 625 16.76 10.66 -0.16
N LEU A 626 16.79 10.16 -1.40
CA LEU A 626 17.82 9.20 -1.79
C LEU A 626 19.20 9.85 -1.78
N LYS A 627 19.30 11.06 -2.31
CA LYS A 627 20.58 11.77 -2.34
C LYS A 627 21.06 12.09 -0.94
N THR A 628 20.14 12.39 -0.02
CA THR A 628 20.52 12.73 1.35
C THR A 628 21.04 11.49 2.10
N HIS A 629 20.37 10.35 1.93
CA HIS A 629 20.63 9.20 2.77
C HIS A 629 21.12 7.95 2.04
N GLY A 630 20.96 7.86 0.72
CA GLY A 630 21.31 6.60 0.07
C GLY A 630 20.18 5.60 0.13
N SER A 631 20.07 4.80 -0.94
CA SER A 631 18.95 3.88 -1.05
C SER A 631 19.00 2.79 0.02
N ASP A 632 20.19 2.30 0.41
CA ASP A 632 20.18 1.25 1.42
C ASP A 632 19.70 1.77 2.77
N VAL A 633 19.92 3.05 3.05
CA VAL A 633 19.38 3.64 4.28
C VAL A 633 17.87 3.82 4.16
N VAL A 634 17.40 4.29 3.00
CA VAL A 634 15.95 4.40 2.81
C VAL A 634 15.30 3.04 2.90
N ARG A 635 15.96 1.99 2.39
CA ARG A 635 15.40 0.65 2.48
C ARG A 635 15.39 0.16 3.92
N LEU A 636 16.49 0.39 4.66
CA LEU A 636 16.50 0.02 6.08
C LEU A 636 15.44 0.78 6.86
N TRP A 637 15.25 2.07 6.55
CA TRP A 637 14.20 2.85 7.19
C TRP A 637 12.83 2.20 7.03
N VAL A 638 12.51 1.74 5.81
CA VAL A 638 11.25 1.05 5.58
C VAL A 638 11.15 -0.18 6.47
N ALA A 639 12.12 -1.10 6.36
CA ALA A 639 11.99 -2.40 7.01
C ALA A 639 12.06 -2.30 8.53
N PHE A 640 12.73 -1.29 9.05
CA PHE A 640 12.93 -1.16 10.49
C PHE A 640 11.79 -0.42 11.16
N ASN A 641 10.69 -0.18 10.47
CA ASN A 641 9.60 0.62 11.00
C ASN A 641 8.27 -0.09 10.70
N ASP A 642 7.25 0.31 11.47
CA ASP A 642 5.93 -0.30 11.42
C ASP A 642 5.21 0.15 10.15
N TYR A 643 5.60 -0.46 9.02
CA TYR A 643 5.12 -0.01 7.72
C TYR A 643 3.63 -0.28 7.49
N GLN A 644 2.98 -1.09 8.34
CA GLN A 644 1.54 -1.27 8.18
C GLN A 644 0.78 0.02 8.45
N ASN A 645 1.37 0.92 9.22
CA ASN A 645 0.80 2.22 9.50
C ASN A 645 1.59 3.30 8.76
N ASP A 646 1.17 4.56 8.94
CA ASP A 646 1.83 5.66 8.27
C ASP A 646 3.27 5.82 8.76
N LEU A 647 4.17 6.18 7.85
CA LEU A 647 5.58 6.39 8.17
C LEU A 647 5.90 7.88 8.06
N ARG A 648 6.37 8.47 9.15
CA ARG A 648 6.69 9.89 9.19
C ARG A 648 8.11 10.12 8.71
N VAL A 649 8.27 11.06 7.79
CA VAL A 649 9.59 11.52 7.38
C VAL A 649 10.03 12.65 8.31
N SER A 650 11.13 12.43 9.01
CA SER A 650 11.73 13.47 9.82
C SER A 650 13.21 13.15 10.01
N GLN A 651 13.99 14.19 10.27
CA GLN A 651 15.43 14.03 10.44
C GLN A 651 15.73 13.02 11.55
N THR A 652 14.95 13.04 12.62
CA THR A 652 15.26 12.21 13.79
C THR A 652 15.14 10.73 13.48
N PHE A 653 14.10 10.34 12.72
CA PHE A 653 13.94 8.92 12.41
C PHE A 653 14.99 8.44 11.43
N PHE A 654 15.38 9.29 10.48
CA PHE A 654 16.42 8.85 9.55
C PHE A 654 17.78 8.82 10.23
N THR A 655 18.01 9.70 11.21
CA THR A 655 19.24 9.65 11.99
C THR A 655 19.35 8.33 12.75
N GLN A 656 18.25 7.87 13.34
CA GLN A 656 18.26 6.57 14.02
C GLN A 656 18.56 5.44 13.05
N THR A 657 18.00 5.51 11.83
CA THR A 657 18.25 4.44 10.87
C THR A 657 19.70 4.43 10.40
N GLU A 658 20.25 5.61 10.10
CA GLU A 658 21.66 5.72 9.77
C GLU A 658 22.54 5.12 10.87
N GLN A 659 22.13 5.27 12.13
CA GLN A 659 22.88 4.66 13.22
C GLN A 659 22.74 3.14 13.21
N HIS A 660 21.55 2.62 12.89
CA HIS A 660 21.41 1.18 12.71
C HIS A 660 22.26 0.68 11.54
N TYR A 661 22.26 1.43 10.44
CA TYR A 661 23.04 0.99 9.27
C TYR A 661 24.53 1.00 9.59
N LYS A 662 25.01 2.04 10.28
CA LYS A 662 26.42 2.11 10.66
C LYS A 662 26.81 0.93 11.55
N LYS A 663 25.96 0.58 12.53
CA LYS A 663 26.26 -0.55 13.39
C LYS A 663 26.35 -1.85 12.60
N PHE A 664 25.36 -2.12 11.75
CA PHE A 664 25.46 -3.30 10.89
C PHE A 664 26.73 -3.27 10.04
N ARG A 665 27.03 -2.11 9.43
CA ARG A 665 28.17 -2.02 8.53
C ARG A 665 29.48 -2.15 9.28
N ASN A 666 29.62 -1.46 10.42
CA ASN A 666 30.83 -1.56 11.22
C ASN A 666 31.04 -2.98 11.74
N THR A 667 29.95 -3.66 12.13
CA THR A 667 30.09 -5.03 12.58
C THR A 667 30.59 -5.93 11.46
N LEU A 668 30.04 -5.78 10.26
CA LEU A 668 30.50 -6.59 9.12
C LEU A 668 31.98 -6.31 8.82
N LYS A 669 32.38 -5.04 8.83
CA LYS A 669 33.79 -4.69 8.63
C LYS A 669 34.69 -5.41 9.63
N PHE A 670 34.34 -5.38 10.93
CA PHE A 670 35.17 -6.05 11.93
C PHE A 670 35.30 -7.55 11.66
N LEU A 671 34.18 -8.19 11.30
CA LEU A 671 34.21 -9.62 11.03
C LEU A 671 35.13 -9.93 9.86
N LEU A 672 34.91 -9.25 8.72
CA LEU A 672 35.77 -9.44 7.56
C LEU A 672 37.23 -9.19 7.90
N ALA A 673 37.51 -8.12 8.65
CA ALA A 673 38.89 -7.79 8.98
C ALA A 673 39.54 -8.89 9.82
N ASN A 674 38.78 -9.54 10.69
CA ASN A 674 39.36 -10.47 11.64
C ASN A 674 39.31 -11.93 11.19
N PHE A 675 38.76 -12.24 10.01
CA PHE A 675 39.09 -13.52 9.40
C PHE A 675 39.79 -13.35 8.06
N SER A 676 40.25 -12.15 7.73
CA SER A 676 40.88 -11.92 6.42
C SER A 676 42.20 -12.68 6.27
N ASP A 677 42.96 -12.87 7.34
CA ASP A 677 44.24 -13.56 7.19
C ASP A 677 44.14 -15.06 7.41
N MET A 678 42.93 -15.61 7.56
CA MET A 678 42.79 -17.01 7.90
C MET A 678 43.10 -17.89 6.70
N ASP A 679 44.01 -18.86 6.90
CA ASP A 679 44.32 -19.83 5.85
C ASP A 679 43.06 -20.58 5.46
N LEU A 680 42.78 -20.60 4.15
CA LEU A 680 41.53 -21.17 3.67
C LEU A 680 41.48 -22.68 3.85
N LYS A 681 42.61 -23.34 4.10
CA LYS A 681 42.58 -24.77 4.40
C LYS A 681 41.82 -25.08 5.69
N ASN A 682 41.69 -24.10 6.60
CA ASN A 682 40.83 -24.25 7.76
C ASN A 682 39.39 -24.56 7.36
N LEU A 683 38.97 -24.11 6.18
CA LEU A 683 37.60 -24.35 5.73
C LEU A 683 37.35 -25.83 5.45
N GLU A 684 38.39 -26.63 5.30
CA GLU A 684 38.22 -28.04 4.93
C GLU A 684 38.57 -28.99 6.07
N ARG A 685 38.59 -28.49 7.31
CA ARG A 685 38.92 -29.33 8.45
C ARG A 685 38.12 -28.85 9.67
N PRO A 686 37.82 -29.74 10.60
CA PRO A 686 37.13 -29.33 11.84
C PRO A 686 38.08 -28.65 12.80
N HIS A 687 37.49 -28.03 13.82
CA HIS A 687 38.23 -27.33 14.86
C HIS A 687 37.70 -27.76 16.22
N ASN A 688 38.48 -27.45 17.26
CA ASN A 688 38.03 -27.60 18.64
C ASN A 688 37.62 -26.22 19.13
N PHE A 689 36.33 -26.03 19.33
CA PHE A 689 35.79 -24.76 19.78
C PHE A 689 35.72 -24.72 21.31
N SER A 690 36.01 -23.55 21.86
CA SER A 690 35.93 -23.33 23.30
C SER A 690 34.46 -23.32 23.74
N PRO A 691 34.20 -23.35 25.06
CA PRO A 691 32.82 -23.14 25.53
C PRO A 691 32.24 -21.81 25.07
N LEU A 692 33.05 -20.75 25.06
CA LEU A 692 32.56 -19.45 24.58
C LEU A 692 32.23 -19.50 23.10
N ASP A 693 33.04 -20.19 22.31
CA ASP A 693 32.71 -20.37 20.89
C ASP A 693 31.38 -21.09 20.73
N HIS A 694 31.18 -22.18 21.47
CA HIS A 694 29.93 -22.92 21.37
C HIS A 694 28.74 -22.07 21.81
N PHE A 695 28.90 -21.31 22.88
CA PHE A 695 27.84 -20.40 23.30
C PHE A 695 27.45 -19.47 22.16
N MET A 696 28.42 -19.00 21.39
CA MET A 696 28.13 -18.08 20.30
C MET A 696 27.44 -18.79 19.15
N LEU A 697 27.94 -19.96 18.74
CA LEU A 697 27.30 -20.70 17.66
C LEU A 697 25.88 -21.12 18.06
N GLU A 698 25.72 -21.62 19.30
CA GLU A 698 24.37 -21.97 19.75
C GLU A 698 23.47 -20.75 19.81
N THR A 699 24.03 -19.59 20.20
CA THR A 699 23.26 -18.35 20.20
C THR A 699 22.94 -17.90 18.78
N LEU A 700 23.94 -17.96 17.89
CA LEU A 700 23.72 -17.64 16.49
C LEU A 700 22.55 -18.42 15.92
N GLU A 701 22.47 -19.71 16.23
CA GLU A 701 21.35 -20.54 15.76
C GLU A 701 20.03 -20.04 16.32
N THR A 702 19.97 -19.81 17.63
CA THR A 702 18.72 -19.40 18.25
C THR A 702 18.16 -18.13 17.62
N ILE A 703 19.00 -17.09 17.50
CA ILE A 703 18.49 -15.82 16.97
C ILE A 703 18.19 -15.93 15.47
N SER A 704 18.93 -16.78 14.75
CA SER A 704 18.65 -16.99 13.34
C SER A 704 17.24 -17.54 13.13
N ALA A 705 16.85 -18.52 13.96
CA ALA A 705 15.49 -19.05 13.90
C ALA A 705 14.46 -17.94 14.15
N GLY A 706 14.76 -17.01 15.06
CA GLY A 706 13.85 -15.92 15.37
C GLY A 706 13.80 -14.83 14.30
N VAL A 707 14.95 -14.49 13.72
CA VAL A 707 14.94 -13.56 12.59
C VAL A 707 14.14 -14.14 11.42
N ASN A 708 14.32 -15.42 11.14
CA ASN A 708 13.64 -16.04 10.01
C ASN A 708 12.14 -16.15 10.24
N SER A 709 11.71 -16.53 11.45
CA SER A 709 10.28 -16.60 11.73
C SER A 709 9.62 -15.23 11.62
N ALA A 710 10.28 -14.20 12.14
CA ALA A 710 9.77 -12.84 12.02
C ALA A 710 9.70 -12.40 10.55
N PHE A 711 10.72 -12.72 9.77
CA PHE A 711 10.72 -12.34 8.36
C PHE A 711 9.70 -13.14 7.56
N GLU A 712 9.45 -14.39 7.95
CA GLU A 712 8.40 -15.18 7.32
C GLU A 712 7.03 -14.52 7.45
N GLU A 713 6.76 -13.91 8.61
CA GLU A 713 5.49 -13.24 8.80
C GLU A 713 5.54 -11.77 8.41
N HIS A 714 6.58 -11.36 7.70
CA HIS A 714 6.75 -10.01 7.15
C HIS A 714 6.90 -8.96 8.25
N ASP A 715 7.28 -9.39 9.46
CA ASP A 715 7.53 -8.48 10.58
C ASP A 715 9.01 -8.17 10.65
N PHE A 716 9.45 -7.33 9.70
CA PHE A 716 10.88 -7.03 9.59
C PHE A 716 11.40 -6.26 10.79
N VAL A 717 10.52 -5.53 11.48
CA VAL A 717 10.90 -4.82 12.70
C VAL A 717 11.35 -5.81 13.77
N LYS A 718 10.48 -6.77 14.08
CA LYS A 718 10.81 -7.78 15.06
C LYS A 718 12.10 -8.52 14.70
N GLY A 719 12.28 -8.81 13.40
CA GLY A 719 13.47 -9.55 12.99
C GLY A 719 14.73 -8.71 13.02
N LEU A 720 14.65 -7.45 12.61
CA LEU A 720 15.82 -6.59 12.70
C LEU A 720 16.17 -6.25 14.14
N ASN A 721 15.17 -6.20 15.04
CA ASN A 721 15.46 -5.98 16.46
C ASN A 721 16.18 -7.17 17.08
N ILE A 722 15.75 -8.39 16.73
CA ILE A 722 16.46 -9.58 17.19
C ILE A 722 17.88 -9.57 16.66
N LEU A 723 18.04 -9.34 15.35
CA LEU A 723 19.36 -9.32 14.75
C LEU A 723 20.25 -8.27 15.37
N MET A 724 19.71 -7.06 15.56
CA MET A 724 20.50 -5.96 16.10
C MET A 724 20.88 -6.21 17.55
N ALA A 725 19.96 -6.77 18.34
CA ALA A 725 20.27 -7.08 19.73
C ALA A 725 21.40 -8.09 19.84
N PHE A 726 21.39 -9.09 18.96
CA PHE A 726 22.49 -10.05 18.94
C PHE A 726 23.80 -9.37 18.56
N VAL A 727 23.79 -8.57 17.50
CA VAL A 727 24.97 -7.85 17.06
C VAL A 727 25.54 -6.98 18.17
N THR A 728 24.65 -6.32 18.93
CA THR A 728 25.06 -5.34 19.93
C THR A 728 25.51 -6.01 21.22
N ASN A 729 24.79 -7.03 21.66
CA ASN A 729 24.98 -7.58 22.99
C ASN A 729 25.90 -8.79 22.96
N GLU A 730 25.41 -9.93 22.45
CA GLU A 730 26.21 -11.15 22.48
C GLU A 730 27.44 -11.03 21.58
N LEU A 731 27.27 -10.53 20.36
CA LEU A 731 28.40 -10.44 19.46
C LEU A 731 29.39 -9.38 19.92
N SER A 732 29.01 -8.10 19.84
CA SER A 732 29.98 -7.04 20.12
C SER A 732 30.34 -7.00 21.60
N GLY A 733 29.33 -6.95 22.47
CA GLY A 733 29.58 -6.70 23.88
C GLY A 733 30.29 -7.84 24.60
N ILE A 734 29.97 -9.08 24.26
CA ILE A 734 30.55 -10.23 24.96
C ILE A 734 31.67 -10.85 24.14
N TYR A 735 31.36 -11.37 22.95
CA TYR A 735 32.30 -12.23 22.23
C TYR A 735 33.47 -11.44 21.65
N LEU A 736 33.19 -10.34 20.95
CA LEU A 736 34.27 -9.62 20.27
C LEU A 736 35.19 -8.92 21.27
N ASP A 737 34.68 -8.59 22.46
CA ASP A 737 35.54 -8.08 23.52
C ASP A 737 36.44 -9.17 24.09
N ALA A 738 35.84 -10.31 24.46
CA ALA A 738 36.61 -11.42 25.00
C ALA A 738 37.66 -11.93 24.02
N CYS A 739 37.42 -11.74 22.71
CA CYS A 739 38.23 -12.32 21.65
C CYS A 739 39.29 -11.39 21.08
N LYS A 740 39.24 -10.08 21.38
CA LYS A 740 40.15 -9.14 20.74
C LYS A 740 41.61 -9.49 21.03
N ASP A 741 41.91 -9.95 22.25
CA ASP A 741 43.29 -10.28 22.60
C ASP A 741 43.83 -11.38 21.69
N SER A 742 43.09 -12.48 21.57
CA SER A 742 43.53 -13.59 20.71
C SER A 742 43.67 -13.14 19.26
N LEU A 743 42.65 -12.44 18.74
CA LEU A 743 42.66 -12.02 17.35
C LEU A 743 43.88 -11.19 17.02
N TYR A 744 44.24 -10.26 17.91
CA TYR A 744 45.31 -9.30 17.63
C TYR A 744 46.67 -9.72 18.18
N CYS A 745 46.71 -10.49 19.26
CA CYS A 745 47.97 -10.73 19.95
C CYS A 745 48.45 -12.18 19.91
N ASP A 746 47.58 -13.13 19.61
CA ASP A 746 48.03 -14.51 19.48
C ASP A 746 48.68 -14.75 18.12
N SER A 747 49.39 -15.87 18.03
CA SER A 747 49.98 -16.31 16.77
C SER A 747 48.87 -16.59 15.75
N LYS A 748 49.18 -16.36 14.47
CA LYS A 748 48.25 -16.74 13.41
C LYS A 748 48.06 -18.24 13.31
N ASN A 749 49.02 -19.02 13.80
CA ASN A 749 48.92 -20.46 13.80
C ASN A 749 48.14 -21.00 14.99
N ASN A 750 47.87 -20.15 15.98
CA ASN A 750 47.18 -20.56 17.20
C ASN A 750 45.80 -21.13 16.87
N GLU A 751 45.55 -22.37 17.29
CA GLU A 751 44.30 -23.03 16.92
C GLU A 751 43.10 -22.42 17.62
N LYS A 752 43.27 -21.88 18.84
CA LYS A 752 42.19 -21.15 19.48
C LYS A 752 41.76 -19.96 18.62
N ARG A 753 42.74 -19.24 18.08
CA ARG A 753 42.43 -18.10 17.22
C ARG A 753 41.74 -18.56 15.94
N GLN A 754 42.21 -19.67 15.35
CA GLN A 754 41.59 -20.17 14.12
C GLN A 754 40.13 -20.56 14.36
N ALA A 755 39.84 -21.15 15.53
CA ALA A 755 38.46 -21.48 15.87
C ALA A 755 37.61 -20.23 16.08
N ILE A 756 38.20 -19.15 16.58
CA ILE A 756 37.46 -17.90 16.70
C ILE A 756 37.11 -17.37 15.31
N GLN A 757 38.06 -17.47 14.37
CA GLN A 757 37.83 -16.95 13.04
C GLN A 757 36.70 -17.71 12.34
N MET A 758 36.64 -19.03 12.56
CA MET A 758 35.56 -19.83 11.98
C MET A 758 34.20 -19.39 12.52
N VAL A 759 34.14 -19.06 13.80
CA VAL A 759 32.88 -18.54 14.36
C VAL A 759 32.54 -17.22 13.72
N LEU A 760 33.54 -16.35 13.51
CA LEU A 760 33.27 -15.05 12.87
C LEU A 760 32.84 -15.23 11.43
N LEU A 761 33.39 -16.24 10.74
CA LEU A 761 32.99 -16.50 9.37
C LEU A 761 31.54 -17.00 9.30
N ALA A 762 31.17 -17.92 10.20
CA ALA A 762 29.78 -18.37 10.25
C ALA A 762 28.83 -17.24 10.61
N THR A 763 29.24 -16.36 11.52
CA THR A 763 28.40 -15.24 11.93
C THR A 763 28.21 -14.24 10.79
N ALA A 764 29.29 -13.92 10.08
CA ALA A 764 29.18 -13.08 8.90
C ALA A 764 28.27 -13.70 7.86
N SER A 765 28.33 -15.03 7.73
CA SER A 765 27.50 -15.72 6.74
C SER A 765 26.02 -15.55 7.05
N LYS A 766 25.64 -15.65 8.32
CA LYS A 766 24.24 -15.50 8.69
C LYS A 766 23.79 -14.04 8.55
N LEU A 767 24.66 -13.10 8.94
CA LEU A 767 24.33 -11.69 8.75
C LEU A 767 24.07 -11.38 7.29
N CYS A 768 24.90 -11.93 6.40
CA CYS A 768 24.72 -11.70 4.97
C CYS A 768 23.41 -12.29 4.49
N TYR A 769 23.12 -13.53 4.86
CA TYR A 769 21.89 -14.16 4.40
C TYR A 769 20.67 -13.35 4.83
N PHE A 770 20.61 -12.96 6.10
CA PHE A 770 19.39 -12.34 6.59
C PHE A 770 19.24 -10.88 6.16
N LEU A 771 20.34 -10.20 5.90
CA LEU A 771 20.24 -8.81 5.48
C LEU A 771 20.14 -8.65 3.96
N ALA A 772 20.46 -9.71 3.21
CA ALA A 772 20.51 -9.60 1.75
C ALA A 772 19.20 -9.12 1.12
N PRO A 773 18.00 -9.48 1.62
CA PRO A 773 16.78 -8.91 1.01
C PRO A 773 16.64 -7.40 1.22
N ILE A 774 17.25 -6.84 2.27
CA ILE A 774 17.03 -5.46 2.65
C ILE A 774 18.20 -4.58 2.20
N LEU A 775 19.40 -4.93 2.63
CA LEU A 775 20.60 -4.17 2.29
C LEU A 775 21.38 -4.86 1.17
N THR A 776 20.70 -5.04 0.03
CA THR A 776 21.24 -5.90 -1.03
C THR A 776 22.54 -5.34 -1.60
N HIS A 777 22.57 -4.03 -1.89
CA HIS A 777 23.82 -3.40 -2.32
C HIS A 777 24.95 -3.67 -1.34
N THR A 778 24.68 -3.57 -0.05
CA THR A 778 25.72 -3.61 0.97
C THR A 778 26.27 -5.03 1.14
N ILE A 779 25.38 -6.03 1.10
CA ILE A 779 25.85 -7.40 1.20
C ILE A 779 26.59 -7.80 -0.07
N GLU A 780 26.14 -7.30 -1.22
CA GLU A 780 26.91 -7.45 -2.46
C GLU A 780 28.31 -6.85 -2.29
N GLU A 781 28.41 -5.71 -1.59
CA GLU A 781 29.71 -5.11 -1.36
C GLU A 781 30.53 -5.90 -0.35
N VAL A 782 29.88 -6.55 0.62
CA VAL A 782 30.59 -7.41 1.56
C VAL A 782 31.27 -8.58 0.83
N LEU A 783 30.53 -9.26 -0.05
CA LEU A 783 31.12 -10.40 -0.76
C LEU A 783 32.19 -9.96 -1.74
N GLU A 784 32.05 -8.76 -2.32
CA GLU A 784 33.06 -8.23 -3.24
C GLU A 784 34.41 -8.06 -2.54
N HIS A 785 34.41 -7.88 -1.22
CA HIS A 785 35.62 -7.56 -0.48
C HIS A 785 36.13 -8.70 0.39
N SER A 786 35.60 -9.92 0.25
CA SER A 786 35.98 -11.01 1.15
C SER A 786 36.03 -12.33 0.37
N GLN A 787 37.24 -12.72 -0.03
CA GLN A 787 37.42 -14.00 -0.71
C GLN A 787 37.03 -15.17 0.19
N ALA A 788 37.28 -15.05 1.50
CA ALA A 788 36.98 -16.13 2.43
C ALA A 788 35.47 -16.35 2.54
N LEU A 789 34.69 -15.27 2.58
CA LEU A 789 33.24 -15.45 2.59
C LEU A 789 32.74 -16.06 1.28
N ARG A 790 33.33 -15.65 0.14
CA ARG A 790 32.88 -16.18 -1.14
C ARG A 790 33.20 -17.67 -1.28
N ILE A 791 34.36 -18.10 -0.78
CA ILE A 791 34.70 -19.52 -0.81
C ILE A 791 33.84 -20.30 0.16
N PHE A 792 33.74 -19.81 1.41
CA PHE A 792 32.93 -20.45 2.43
C PHE A 792 31.49 -20.67 1.97
N LEU A 793 30.86 -19.63 1.45
CA LEU A 793 29.47 -19.72 0.99
C LEU A 793 29.36 -20.22 -0.45
N GLN A 794 30.46 -20.50 -1.13
CA GLN A 794 30.45 -20.94 -2.51
C GLN A 794 29.60 -19.98 -3.36
N ALA A 795 29.87 -18.69 -3.23
CA ALA A 795 29.04 -17.65 -3.83
C ALA A 795 29.93 -16.69 -4.63
N LYS A 796 29.61 -16.53 -5.92
CA LYS A 796 30.28 -15.51 -6.72
C LYS A 796 29.85 -14.10 -6.30
N ASP A 797 28.56 -13.92 -6.00
CA ASP A 797 27.99 -12.62 -5.69
C ASP A 797 26.78 -12.85 -4.79
N VAL A 798 26.02 -11.78 -4.55
CA VAL A 798 24.94 -11.86 -3.57
C VAL A 798 23.85 -12.83 -4.02
N PHE A 799 23.72 -13.09 -5.31
CA PHE A 799 22.62 -13.92 -5.79
C PHE A 799 22.92 -15.42 -5.68
N ASP A 800 24.11 -15.80 -5.23
CA ASP A 800 24.42 -17.19 -4.94
C ASP A 800 24.21 -17.54 -3.48
N LEU A 801 23.74 -16.61 -2.66
CA LEU A 801 23.56 -16.86 -1.24
C LEU A 801 22.50 -17.92 -0.98
N LYS A 802 22.80 -18.82 -0.05
CA LYS A 802 21.85 -19.80 0.46
C LYS A 802 21.88 -19.77 1.99
N ASP A 803 20.80 -20.22 2.60
CA ASP A 803 20.82 -20.46 4.03
C ASP A 803 21.73 -21.65 4.30
N ILE A 804 22.77 -21.45 5.10
CA ILE A 804 23.75 -22.50 5.33
C ILE A 804 23.48 -23.17 6.66
N SER A 805 23.87 -24.44 6.74
CA SER A 805 23.90 -25.19 7.99
C SER A 805 25.27 -24.99 8.62
N VAL A 806 25.32 -24.20 9.70
CA VAL A 806 26.58 -23.97 10.42
C VAL A 806 27.09 -25.27 11.02
N SER A 807 26.19 -26.10 11.55
CA SER A 807 26.62 -27.38 12.11
C SER A 807 27.41 -28.17 11.09
N GLU A 808 26.94 -28.21 9.84
CA GLU A 808 27.61 -28.98 8.80
C GLU A 808 28.88 -28.30 8.30
N LYS A 809 28.84 -26.97 8.11
CA LYS A 809 30.01 -26.27 7.61
C LYS A 809 31.16 -26.27 8.62
N LEU A 810 30.85 -26.30 9.92
CA LEU A 810 31.89 -26.31 10.95
C LEU A 810 32.11 -27.68 11.55
N HIS A 811 31.44 -28.72 11.05
CA HIS A 811 31.67 -30.10 11.46
C HIS A 811 31.39 -30.30 12.96
N LEU A 812 30.22 -29.86 13.41
CA LEU A 812 29.83 -30.02 14.80
C LEU A 812 29.22 -31.40 15.06
N LYS A 813 29.48 -31.95 16.25
CA LYS A 813 28.88 -33.23 16.64
C LYS A 813 27.44 -33.03 17.10
N GLU A 814 26.58 -34.01 16.78
CA GLU A 814 25.14 -33.76 16.84
C GLU A 814 24.63 -33.72 18.28
N PHE A 815 24.98 -34.72 19.09
CA PHE A 815 24.48 -34.79 20.46
C PHE A 815 25.36 -34.05 21.46
N LYS A 816 26.03 -32.98 21.02
CA LYS A 816 26.78 -32.11 21.91
C LYS A 816 25.81 -31.29 22.75
N LYS A 817 25.89 -31.42 24.07
CA LYS A 817 24.94 -30.73 24.93
C LYS A 817 25.19 -29.22 24.90
N PRO A 818 24.15 -28.41 24.84
CA PRO A 818 24.35 -26.96 24.72
C PRO A 818 24.94 -26.35 25.98
N GLU A 819 25.66 -25.24 25.80
CA GLU A 819 26.23 -24.52 26.93
C GLU A 819 25.12 -23.91 27.78
N ASN A 820 25.43 -23.71 29.06
CA ASN A 820 24.55 -23.00 29.99
C ASN A 820 25.39 -21.93 30.67
N PHE A 821 25.29 -20.69 30.19
CA PHE A 821 26.09 -19.56 30.63
C PHE A 821 25.36 -18.63 31.59
N GLU A 822 24.21 -19.06 32.12
CA GLU A 822 23.44 -18.18 32.99
C GLU A 822 24.22 -17.78 34.24
N ALA A 823 24.92 -18.74 34.86
CA ALA A 823 25.61 -18.45 36.10
C ALA A 823 26.81 -17.54 35.89
N VAL A 824 27.52 -17.69 34.76
CA VAL A 824 28.71 -16.87 34.54
C VAL A 824 28.37 -15.51 33.96
N LEU A 825 27.22 -15.38 33.29
CA LEU A 825 26.81 -14.07 32.79
C LEU A 825 26.23 -13.20 33.88
N ALA A 826 25.62 -13.81 34.91
CA ALA A 826 25.21 -13.06 36.08
C ALA A 826 26.43 -12.57 36.86
N LEU A 827 27.48 -13.38 36.92
CA LEU A 827 28.72 -12.94 37.57
C LEU A 827 29.36 -11.80 36.77
N ARG A 828 29.37 -11.93 35.44
CA ARG A 828 29.87 -10.86 34.59
C ARG A 828 29.10 -9.57 34.81
N SER A 829 27.77 -9.66 34.92
CA SER A 829 26.96 -8.47 35.13
C SER A 829 27.21 -7.85 36.49
N ALA A 830 27.37 -8.69 37.53
CA ALA A 830 27.64 -8.18 38.86
C ALA A 830 29.05 -7.62 38.98
N PHE A 831 30.01 -8.23 38.29
CA PHE A 831 31.37 -7.70 38.30
C PHE A 831 31.44 -6.36 37.60
N ASN A 832 30.78 -6.23 36.45
CA ASN A 832 30.80 -4.96 35.71
C ASN A 832 30.11 -3.85 36.47
N GLU A 833 29.10 -4.19 37.27
CA GLU A 833 28.48 -3.19 38.12
C GLU A 833 29.41 -2.76 39.24
N GLU A 834 30.13 -3.72 39.82
CA GLU A 834 31.11 -3.39 40.85
C GLU A 834 32.30 -2.65 40.24
N LEU A 835 32.73 -3.05 39.05
CA LEU A 835 33.85 -2.38 38.40
C LEU A 835 33.53 -0.92 38.07
N ASP A 836 32.29 -0.65 37.64
CA ASP A 836 31.87 0.72 37.39
C ASP A 836 32.04 1.59 38.63
N ARG A 837 31.61 1.08 39.79
CA ARG A 837 31.70 1.85 41.01
C ARG A 837 33.15 2.16 41.35
N LEU A 838 34.03 1.16 41.25
CA LEU A 838 35.45 1.41 41.51
C LEU A 838 36.04 2.40 40.51
N LYS A 839 35.56 2.38 39.27
CA LYS A 839 36.05 3.35 38.29
C LYS A 839 35.60 4.76 38.63
N LYS A 840 34.36 4.91 39.12
CA LYS A 840 33.89 6.21 39.58
C LYS A 840 34.76 6.74 40.72
N GLU A 841 35.10 5.87 41.68
CA GLU A 841 35.94 6.28 42.80
C GLU A 841 37.37 6.58 42.41
N GLY A 842 37.78 6.26 41.18
CA GLY A 842 39.16 6.42 40.76
C GLY A 842 40.10 5.30 41.19
N VAL A 843 39.59 4.30 41.94
CA VAL A 843 40.43 3.22 42.44
C VAL A 843 41.08 2.45 41.29
N ILE A 844 40.33 2.27 40.19
CA ILE A 844 40.75 1.41 39.10
C ILE A 844 40.33 2.07 37.79
N LYS A 845 40.95 1.62 36.70
CA LYS A 845 40.71 2.18 35.38
C LYS A 845 40.04 1.22 34.41
N ASN A 846 40.36 -0.07 34.48
CA ASN A 846 39.66 -1.04 33.64
C ASN A 846 39.79 -2.42 34.25
N SER A 847 39.04 -3.37 33.68
CA SER A 847 38.93 -4.70 34.26
C SER A 847 40.24 -5.46 34.26
N LEU A 848 41.09 -5.22 33.25
CA LEU A 848 42.34 -5.97 33.13
C LEU A 848 43.29 -5.67 34.29
N GLU A 849 43.10 -4.56 35.00
CA GLU A 849 43.90 -4.27 36.18
C GLU A 849 43.51 -5.12 37.38
N CYS A 850 42.49 -5.97 37.27
CA CYS A 850 41.92 -6.65 38.42
C CYS A 850 42.27 -8.13 38.45
N ALA A 851 42.30 -8.66 39.67
CA ALA A 851 42.17 -10.08 39.94
C ALA A 851 40.85 -10.31 40.66
N ILE A 852 40.28 -11.49 40.48
CA ILE A 852 39.00 -11.82 41.11
C ILE A 852 39.09 -13.24 41.67
N GLU A 853 38.74 -13.40 42.94
CA GLU A 853 38.49 -14.72 43.50
C GLU A 853 36.97 -14.91 43.54
N VAL A 854 36.48 -15.86 42.76
CA VAL A 854 35.06 -16.17 42.73
C VAL A 854 34.74 -17.13 43.86
N LYS A 855 33.62 -16.89 44.53
CA LYS A 855 33.22 -17.71 45.67
C LYS A 855 32.35 -18.90 45.28
N GLU A 856 31.88 -18.96 44.04
CA GLU A 856 31.21 -20.15 43.49
C GLU A 856 32.27 -20.89 42.69
N LYS A 857 32.92 -21.86 43.32
CA LYS A 857 34.08 -22.52 42.73
C LYS A 857 33.74 -23.51 41.62
N ALA A 858 32.45 -23.75 41.38
CA ALA A 858 32.04 -24.65 40.30
C ALA A 858 32.05 -24.00 38.93
N LEU A 859 32.67 -22.83 38.77
CA LEU A 859 32.69 -22.13 37.50
C LEU A 859 34.05 -22.27 36.84
N ASP A 860 34.03 -22.54 35.54
CA ASP A 860 35.22 -22.56 34.70
C ASP A 860 36.05 -21.30 34.89
N GLU A 861 37.26 -21.45 35.45
CA GLU A 861 38.05 -20.28 35.78
C GLU A 861 38.55 -19.55 34.54
N ASN A 862 38.82 -20.27 33.45
CA ASN A 862 39.29 -19.60 32.25
C ASN A 862 38.15 -18.90 31.52
N LEU A 863 36.93 -19.44 31.62
CA LEU A 863 35.77 -18.73 31.08
C LEU A 863 35.53 -17.42 31.83
N VAL A 864 35.68 -17.45 33.16
CA VAL A 864 35.52 -16.23 33.95
C VAL A 864 36.52 -15.17 33.51
N GLU A 865 37.79 -15.56 33.36
CA GLU A 865 38.80 -14.60 32.90
C GLU A 865 38.45 -14.06 31.53
N GLU A 866 37.92 -14.90 30.64
CA GLU A 866 37.60 -14.47 29.29
C GLU A 866 36.41 -13.50 29.27
N LEU A 867 35.35 -13.83 30.01
CA LEU A 867 34.13 -13.03 29.97
C LEU A 867 34.24 -11.74 30.76
N LEU A 868 34.97 -11.78 31.88
CA LEU A 868 35.12 -10.60 32.72
C LEU A 868 36.30 -9.73 32.30
N MET A 869 37.18 -10.25 31.44
CA MET A 869 38.36 -9.51 30.98
C MET A 869 39.21 -9.07 32.16
N VAL A 870 39.36 -9.96 33.14
CA VAL A 870 40.29 -9.75 34.23
C VAL A 870 41.61 -10.39 33.82
N SER A 871 42.69 -9.97 34.48
CA SER A 871 43.99 -10.52 34.15
C SER A 871 44.34 -11.75 34.97
N PHE A 872 43.47 -12.16 35.88
CA PHE A 872 43.85 -13.16 36.86
C PHE A 872 42.63 -13.61 37.66
N VAL A 873 42.43 -14.91 37.78
CA VAL A 873 41.35 -15.48 38.57
C VAL A 873 41.97 -16.18 39.77
N GLY A 874 41.71 -15.64 40.98
CA GLY A 874 42.22 -16.19 42.23
C GLY A 874 42.58 -15.09 43.21
N ILE A 875 43.32 -15.48 44.25
CA ILE A 875 43.65 -14.59 45.36
C ILE A 875 44.86 -13.73 45.01
N ALA A 876 44.88 -12.50 45.54
CA ALA A 876 46.05 -11.63 45.44
C ALA A 876 46.19 -10.88 46.76
N LYS A 877 47.03 -9.85 46.77
CA LYS A 877 47.42 -9.18 48.01
C LYS A 877 46.65 -7.90 48.29
N GLU A 878 46.51 -6.99 47.31
CA GLU A 878 45.84 -5.71 47.56
C GLU A 878 44.35 -5.83 47.24
N LYS A 879 43.53 -5.78 48.28
CA LYS A 879 42.08 -5.91 48.17
C LYS A 879 41.46 -4.56 47.79
N LEU A 880 40.66 -4.55 46.74
CA LEU A 880 39.97 -3.34 46.28
C LEU A 880 38.55 -3.24 46.81
N SER A 881 37.81 -4.35 46.80
CA SER A 881 36.43 -4.39 47.28
C SER A 881 35.98 -5.84 47.38
N GLU A 882 34.85 -6.06 48.05
CA GLU A 882 34.31 -7.39 48.23
C GLU A 882 32.79 -7.36 48.14
N THR A 883 32.22 -8.44 47.60
CA THR A 883 30.80 -8.66 47.51
C THR A 883 30.50 -10.05 48.04
N PRO A 884 29.23 -10.44 48.16
CA PRO A 884 28.93 -11.84 48.51
C PRO A 884 29.43 -12.83 47.46
N ALA A 885 29.55 -12.39 46.21
CA ALA A 885 29.88 -13.29 45.11
C ALA A 885 31.37 -13.42 44.84
N PHE A 886 32.16 -12.37 45.11
CA PHE A 886 33.56 -12.37 44.73
C PHE A 886 34.29 -11.30 45.51
N THR A 887 35.62 -11.34 45.41
CA THR A 887 36.51 -10.33 45.97
C THR A 887 37.46 -9.88 44.87
N LEU A 888 37.62 -8.56 44.72
CA LEU A 888 38.47 -7.99 43.69
C LEU A 888 39.79 -7.53 44.31
N PHE A 889 40.89 -7.79 43.60
CA PHE A 889 42.23 -7.40 44.02
C PHE A 889 42.89 -6.61 42.90
N LYS A 890 43.95 -5.89 43.25
CA LYS A 890 44.84 -5.41 42.21
C LYS A 890 45.63 -6.60 41.69
N ALA A 891 45.71 -6.73 40.39
CA ALA A 891 46.42 -7.88 39.81
C ALA A 891 47.91 -7.72 40.07
N PRO A 892 48.57 -8.74 40.58
CA PRO A 892 49.98 -8.62 40.96
C PRO A 892 50.92 -8.93 39.79
N PHE A 893 50.81 -8.13 38.73
CA PHE A 893 51.70 -8.22 37.57
C PHE A 893 51.86 -6.83 37.00
N TYR A 894 52.82 -6.69 36.09
CA TYR A 894 52.99 -5.48 35.31
C TYR A 894 52.18 -5.56 34.02
N LYS A 895 51.77 -4.40 33.52
CA LYS A 895 51.11 -4.35 32.22
C LYS A 895 52.11 -4.72 31.14
N CYS A 896 51.74 -5.70 30.31
CA CYS A 896 52.60 -6.11 29.19
C CYS A 896 52.60 -5.01 28.14
N PRO A 897 53.77 -4.60 27.65
CA PRO A 897 53.80 -3.49 26.68
C PRO A 897 53.21 -3.86 25.31
N ARG A 898 52.98 -5.14 25.04
CA ARG A 898 52.49 -5.57 23.74
C ARG A 898 50.98 -5.77 23.71
N CYS A 899 50.44 -6.50 24.67
CA CYS A 899 49.02 -6.81 24.69
C CYS A 899 48.25 -6.00 25.74
N TRP A 900 48.94 -5.23 26.57
CA TRP A 900 48.34 -4.39 27.61
C TRP A 900 47.56 -5.19 28.65
N ARG A 901 47.75 -6.50 28.73
CA ARG A 901 47.21 -7.26 29.83
C ARG A 901 48.20 -7.26 30.99
N PHE A 902 47.67 -7.26 32.21
CA PHE A 902 48.51 -7.24 33.40
C PHE A 902 48.97 -8.67 33.70
N LYS A 903 49.92 -9.14 32.88
CA LYS A 903 50.40 -10.50 33.00
C LYS A 903 51.92 -10.60 32.93
N SER A 904 52.64 -9.49 32.91
CA SER A 904 54.09 -9.51 32.89
C SER A 904 54.68 -9.53 34.29
N GLU A 905 55.74 -10.29 34.46
CA GLU A 905 56.42 -10.36 35.74
C GLU A 905 57.47 -9.27 35.93
N LEU A 906 57.95 -8.68 34.83
CA LEU A 906 58.89 -7.57 34.90
C LEU A 906 58.29 -6.35 34.23
N GLU A 907 58.67 -5.17 34.73
CA GLU A 907 58.20 -3.92 34.16
C GLU A 907 58.59 -3.83 32.69
N ASN A 908 57.68 -3.30 31.87
CA ASN A 908 57.96 -2.96 30.47
C ASN A 908 58.51 -4.16 29.69
N THR A 909 58.11 -5.37 30.06
CA THR A 909 58.67 -6.59 29.46
C THR A 909 57.53 -7.45 28.94
N PRO A 910 57.58 -7.92 27.69
CA PRO A 910 56.47 -8.74 27.16
C PRO A 910 56.15 -9.92 28.07
N CYS A 911 54.85 -10.22 28.17
CA CYS A 911 54.37 -11.37 28.93
C CYS A 911 54.78 -12.67 28.24
N LYS A 912 54.56 -13.79 28.95
CA LYS A 912 55.02 -15.08 28.47
C LYS A 912 54.42 -15.41 27.10
N ARG A 913 53.11 -15.23 26.94
CA ARG A 913 52.49 -15.44 25.63
C ARG A 913 53.13 -14.56 24.57
N CYS A 914 53.19 -13.24 24.84
CA CYS A 914 53.72 -12.32 23.84
C CYS A 914 55.17 -12.63 23.50
N GLU A 915 55.97 -13.02 24.51
CA GLU A 915 57.37 -13.35 24.23
C GLU A 915 57.46 -14.46 23.19
N GLN A 916 56.69 -15.53 23.37
CA GLN A 916 56.68 -16.63 22.41
C GLN A 916 56.30 -16.16 21.02
N VAL A 917 55.24 -15.37 20.91
CA VAL A 917 54.79 -14.89 19.60
C VAL A 917 55.88 -14.05 18.94
N LEU A 918 56.60 -13.25 19.75
CA LEU A 918 57.66 -12.40 19.20
C LEU A 918 58.86 -13.21 18.71
N LYS A 919 59.17 -14.34 19.35
CA LYS A 919 60.25 -15.21 18.89
C LYS A 919 59.91 -15.94 17.59
N GLU A 920 58.66 -15.87 17.14
CA GLU A 920 58.11 -16.77 16.12
C GLU A 920 59.05 -16.93 14.94
N ARG A 921 59.36 -18.19 14.62
CA ARG A 921 60.09 -18.53 13.41
C ARG A 921 59.10 -19.03 12.35
ZN ZN B . 51.53 -9.59 26.37
C1 GOL C . -29.24 16.53 2.24
O1 GOL C . -28.15 17.39 2.42
C2 GOL C . -30.47 17.43 2.03
O2 GOL C . -30.61 17.84 0.70
C3 GOL C . -31.69 16.61 2.58
O3 GOL C . -32.21 15.83 1.54
C1 GOL D . 37.86 1.90 5.98
O1 GOL D . 37.39 3.01 6.67
C2 GOL D . 39.37 2.04 5.99
O2 GOL D . 39.78 2.67 7.17
C3 GOL D . 39.93 0.58 5.83
O3 GOL D . 39.87 0.22 4.46
C1 GOL E . -13.65 -0.14 -6.73
O1 GOL E . -12.65 -0.75 -7.51
C2 GOL E . -15.00 -0.10 -7.54
O2 GOL E . -15.34 -1.33 -8.07
C3 GOL E . -14.82 0.99 -8.63
O3 GOL E . -15.50 2.14 -8.17
C ACT F . 5.22 -4.62 10.88
O ACT F . 4.42 -3.67 10.61
OXT ACT F . 6.43 -4.56 11.27
CH3 ACT F . 4.64 -6.06 10.69
C1 MRC G . 1.86 7.58 -0.35
C2 MRC G . 0.86 6.68 -0.97
C3 MRC G . 0.82 5.33 -0.86
C4 MRC G . -0.18 4.41 -1.47
C5 MRC G . 0.45 3.48 -2.53
C6 MRC G . -0.62 2.81 -3.42
C7 MRC G . 0.09 1.76 -4.28
C8 MRC G . 1.10 2.46 -5.22
C9 MRC G . 0.39 3.33 -6.28
C10 MRC G . -0.20 2.52 -7.43
C11 MRC G . -1.69 2.21 -7.45
C12 MRC G . -2.24 0.99 -8.17
C13 MRC G . -3.75 1.10 -8.47
C14 MRC G . -4.12 0.20 -9.66
C15 MRC G . 1.82 4.58 -0.05
C16 MRC G . 2.03 3.33 -4.33
C1' MRC G . 1.19 16.31 -3.28
O1P MRC G . 1.72 17.32 -3.79
O1Q MRC G . -0.04 16.09 -3.20
C2' MRC G . 2.14 15.24 -2.70
C3' MRC G . 3.07 14.71 -3.78
C4' MRC G . 3.64 13.36 -3.40
C5' MRC G . 3.47 12.99 -1.92
C6' MRC G . 4.78 12.75 -1.15
C7' MRC G . 4.85 11.38 -0.43
C8' MRC G . 4.19 10.23 -1.16
C9' MRC G . 2.92 9.68 -0.50
O1A MRC G . 2.40 8.53 -1.17
O1B MRC G . 2.22 7.56 0.82
O5 MRC G . 1.38 4.11 -3.37
O7 MRC G . 0.84 0.89 -3.50
O6 MRC G . -1.52 2.10 -2.62
O10 MRC G . -1.11 3.22 -8.26
C17 MRC G . -2.05 -0.25 -7.30
O13 MRC G . -4.01 2.43 -8.81
#